data_7D77
#
_entry.id   7D77
#
_cell.length_a   1.00
_cell.length_b   1.00
_cell.length_c   1.00
_cell.angle_alpha   90.00
_cell.angle_beta   90.00
_cell.angle_gamma   90.00
#
_symmetry.space_group_name_H-M   'P 1'
#
loop_
_entity.id
_entity.type
_entity.pdbx_description
1 polymer 'Guanine nucleotide-binding protein G(o) subunit alpha'
2 polymer 'Guanine nucleotide-binding protein G(I)/G(S)/G(T) subunit beta-1'
3 polymer 'Guanine nucleotide-binding protein G(I)/G(S)/G(O) subunit gamma-2'
4 polymer 'Adhesion G protein-coupled receptor G3; GPR97'
5 polymer scFv16
6 non-polymer 'PALMITIC ACID'
7 non-polymer 'CHOLESTEROL HEMISUCCINATE'
8 non-polymer (11alpha,14beta)-11,17,21-trihydroxypregn-4-ene-3,20-dione
9 non-polymer CHOLESTEROL
10 water water
#
loop_
_entity_poly.entity_id
_entity_poly.type
_entity_poly.pdbx_seq_one_letter_code
_entity_poly.pdbx_strand_id
1 'polypeptide(L)'
;MTLSAEERAALERSKAIEKNLKEDGISAAKDVKLLLLGADNSGKSTIVKQMKIIHGGSGGSGGTTGIVETHFTFKNLHFR
LFDVGGQRSERKKWIHCFEDVTAIIFCVDLSDYNRMHESLMLFDSICNNKFFIDTSIILFLNKKDLFGEKIKKSPLTICF
PEYTGPNTYEDAAAYIQAQFESKNRSPNKEIYCHMTCATDTNNAQVIFDAVTDIIIANNLRGCGLY
;
A
2 'polypeptide(L)'
;MSELDQLRQEAEQLKNQIRDARKACADATLSQITNNIDPVGRIQMRTRRTLRGHLAKIYAMHWGTDSRLLVSASQDGKLI
IWDSYTTNKVHAIPLRSSWVMTCAYAPSGNYVACGGLDNICSIYNLKTREGNVRVSRELAGHTGYLSCCRFLDDNQIVTS
SGDTTCALWDIETGQQTTTFTGHTGDVMSLSLAPDTRLFVSGACDASAKLWDVREGMCRQTFTGHESDINAICFFPNGNA
FATGSDDATCRLFDLRADQELMTYSHDNIICGITSVSFSKSGRLLLAGYDDFNCNVWDALKADRAGVLAGHDNRVSCLGV
TDDGMAVATGSWDSFLKIWNHHHHHH
;
B
3 'polypeptide(L)' MASNNTASIAQARKLVEQLKMEANIDRIKVSKAAADLMAYCEAHAKEDPLLTPVPASENPFREKKFFCAIL G
4 'polypeptide(L)'
;DYKDDDDAKLQTMHHHHHHHHHHENLYFQGGTQEKPTEGPRNTCLGSNNMYDIFNLNDKALCFTKCRQSGSDSCNVENLQ
RYWLNYEAHLMKEGLTQKVNTPFLKALVQNLSTNTAEDFYFSLEPSQVPRQVMKDEDKPPDRVRLPKSLFRSLPGNRSVV
RLAVTILDIGPGTLFKGPRLGLGDGSGVLNNRLVGLSVGQMHVTKLAEPLEIVFSHQRPPPNMTLTCVFWDVTKGTTGDW
SSEGCSTEVRPEGTVCCCDALAFFALLLRPTLDQSTVHILTRISQAGCGVSMIFLAFTIILYAFLRLSRERFKSEDAPKI
HVALGGSLFLLNLAFLVNVGSGSKGSDAACWARGAVFHYFLLCAFTWMGLEAFHLYLLAVRVFNTYFGHYFLKLSLVGWG
LPALMVIGTGSANSYGLYTIRDRENRTSLELCWFREGTTMYALYITVHGYFLITFLFGMVVLALVVWKIFTLSRATAVKE
RGKNRKKVLTLLGLSSLVGVTWGLAIFTPLGLSTVYIFALFNSLQGVFICCWFTILYLPSQSTTVSSSTARLDQAHSASQ
E
;
R
5 'polypeptide(L)'
;DVQLVESGGGLVQPGGSRKLSCSASGFAFSSFGMHWVRQAPEKGLEWVAYISSGSGTIYYADTVKGRFTISRDDPKNTLF
LQMTSLRSEDTAMYYCVRSIYYYGSSPFDFWGQGTTLTVSSGGGGSGGGGSGGGGSDIVMTQATSSVPVTPGESVSISCR
SSKSLLHSNGNTYLYWFLQRPGQSPQLLIYRMSNLASGVPDRFSGSGSGTAFTLTISRLEAEDVGVYYCMQHLEYPLTFG
AGTKLELKGS
;
S
#
loop_
_chem_comp.id
_chem_comp.type
_chem_comp.name
_chem_comp.formula
CLR non-polymer CHOLESTEROL 'C27 H46 O'
HCY non-polymer (11alpha,14beta)-11,17,21-trihydroxypregn-4-ene-3,20-dione 'C21 H30 O5'
PLM non-polymer 'PALMITIC ACID' 'C16 H32 O2'
Y01 non-polymer 'CHOLESTEROL HEMISUCCINATE' 'C31 H50 O4'
#
# COMPACT_ATOMS: atom_id res chain seq x y z
N THR A 2 4.82 -2.57 23.43
CA THR A 2 3.53 -3.23 23.65
C THR A 2 3.43 -3.79 25.06
N LEU A 3 4.15 -3.16 25.99
CA LEU A 3 4.15 -3.61 27.37
C LEU A 3 3.04 -2.97 28.20
N SER A 4 2.87 -1.66 28.09
CA SER A 4 1.85 -0.96 28.84
C SER A 4 0.46 -1.46 28.46
N ALA A 5 -0.52 -1.17 29.32
CA ALA A 5 -1.90 -1.54 29.02
C ALA A 5 -2.41 -0.78 27.80
N GLU A 6 -2.17 0.54 27.77
CA GLU A 6 -2.58 1.34 26.63
C GLU A 6 -1.85 0.94 25.37
N GLU A 7 -0.61 0.47 25.49
CA GLU A 7 0.11 0.01 24.32
C GLU A 7 -0.46 -1.29 23.78
N ARG A 8 -0.88 -2.19 24.68
CA ARG A 8 -1.51 -3.41 24.23
C ARG A 8 -2.84 -3.13 23.54
N ALA A 9 -3.62 -2.20 24.07
CA ALA A 9 -4.87 -1.83 23.43
C ALA A 9 -4.62 -1.18 22.07
N ALA A 10 -3.60 -0.32 21.97
CA ALA A 10 -3.28 0.29 20.69
C ALA A 10 -2.82 -0.73 19.67
N LEU A 11 -2.10 -1.77 20.11
CA LEU A 11 -1.71 -2.82 19.20
C LEU A 11 -2.91 -3.63 18.73
N GLU A 12 -3.87 -3.86 19.62
CA GLU A 12 -5.09 -4.55 19.22
C GLU A 12 -5.86 -3.76 18.17
N ARG A 13 -5.96 -2.44 18.36
CA ARG A 13 -6.60 -1.59 17.35
C ARG A 13 -5.84 -1.64 16.03
N SER A 14 -4.51 -1.65 16.08
CA SER A 14 -3.72 -1.77 14.86
C SER A 14 -4.00 -3.07 14.12
N LYS A 15 -4.12 -4.18 14.85
CA LYS A 15 -4.40 -5.46 14.20
C LYS A 15 -5.79 -5.48 13.58
N ALA A 16 -6.77 -4.87 14.26
CA ALA A 16 -8.10 -4.75 13.66
C ALA A 16 -8.05 -3.97 12.35
N ILE A 17 -7.34 -2.85 12.34
CA ILE A 17 -7.21 -2.07 11.11
C ILE A 17 -6.53 -2.89 10.01
N GLU A 18 -5.49 -3.65 10.38
CA GLU A 18 -4.82 -4.51 9.41
C GLU A 18 -5.77 -5.50 8.76
N LYS A 19 -6.60 -6.16 9.57
CA LYS A 19 -7.48 -7.17 9.00
C LYS A 19 -8.60 -6.55 8.16
N ASN A 20 -9.06 -5.34 8.51
CA ASN A 20 -10.03 -4.69 7.63
C ASN A 20 -9.40 -4.26 6.31
N LEU A 21 -8.14 -3.80 6.35
CA LEU A 21 -7.44 -3.49 5.11
C LEU A 21 -7.31 -4.73 4.23
N LYS A 22 -6.98 -5.86 4.83
CA LYS A 22 -6.84 -7.09 4.06
C LYS A 22 -8.16 -7.51 3.43
N GLU A 23 -9.26 -7.42 4.19
CA GLU A 23 -10.55 -7.81 3.64
C GLU A 23 -10.98 -6.90 2.50
N ASP A 24 -10.81 -5.59 2.65
CA ASP A 24 -11.11 -4.68 1.54
C ASP A 24 -10.21 -4.95 0.34
N GLY A 25 -8.97 -5.36 0.57
CA GLY A 25 -8.09 -5.67 -0.54
C GLY A 25 -8.53 -6.89 -1.32
N ILE A 26 -8.90 -7.97 -0.61
CA ILE A 26 -9.35 -9.15 -1.33
C ILE A 26 -10.73 -8.95 -1.95
N SER A 27 -11.52 -7.99 -1.43
CA SER A 27 -12.81 -7.72 -2.03
C SER A 27 -12.70 -6.83 -3.27
N ALA A 28 -11.71 -5.94 -3.32
CA ALA A 28 -11.54 -5.07 -4.48
C ALA A 28 -10.51 -5.59 -5.47
N ALA A 29 -10.09 -6.84 -5.33
CA ALA A 29 -9.20 -7.46 -6.31
C ALA A 29 -9.94 -8.27 -7.35
N LYS A 30 -11.25 -8.49 -7.17
CA LYS A 30 -12.06 -9.21 -8.13
C LYS A 30 -12.87 -8.29 -9.02
N ASP A 31 -12.55 -7.01 -9.06
CA ASP A 31 -13.15 -6.08 -10.00
C ASP A 31 -12.27 -5.99 -11.24
N VAL A 32 -12.91 -5.72 -12.37
CA VAL A 32 -12.22 -5.62 -13.66
C VAL A 32 -12.21 -4.15 -14.05
N LYS A 33 -11.02 -3.57 -14.08
CA LYS A 33 -10.85 -2.16 -14.37
C LYS A 33 -10.51 -1.96 -15.84
N LEU A 34 -11.25 -1.09 -16.51
CA LEU A 34 -11.08 -0.81 -17.92
C LEU A 34 -11.01 0.69 -18.11
N LEU A 35 -10.29 1.13 -19.13
CA LEU A 35 -10.06 2.55 -19.39
C LEU A 35 -10.69 2.92 -20.72
N LEU A 36 -11.66 3.83 -20.70
CA LEU A 36 -12.33 4.30 -21.91
C LEU A 36 -11.56 5.48 -22.49
N LEU A 37 -11.20 5.38 -23.77
CA LEU A 37 -10.50 6.44 -24.46
C LEU A 37 -11.19 6.71 -25.80
N GLY A 38 -10.58 7.57 -26.60
CA GLY A 38 -11.13 7.90 -27.91
C GLY A 38 -11.48 9.37 -27.96
N ALA A 39 -11.48 9.92 -29.18
CA ALA A 39 -11.85 11.31 -29.37
C ALA A 39 -13.31 11.54 -28.98
N ASP A 40 -13.63 12.79 -28.67
CA ASP A 40 -14.99 13.13 -28.30
C ASP A 40 -15.92 12.94 -29.50
N ASN A 41 -17.21 12.78 -29.21
CA ASN A 41 -18.22 12.52 -30.22
C ASN A 41 -17.86 11.23 -30.98
N SER A 42 -17.70 10.16 -30.23
CA SER A 42 -17.40 8.86 -30.80
C SER A 42 -18.18 7.71 -30.19
N GLY A 43 -19.00 7.97 -29.18
CA GLY A 43 -19.79 6.91 -28.57
C GLY A 43 -19.17 6.28 -27.35
N LYS A 44 -18.16 6.90 -26.76
CA LYS A 44 -17.52 6.32 -25.57
C LYS A 44 -18.41 6.40 -24.33
N SER A 45 -19.62 6.92 -24.46
CA SER A 45 -20.53 7.06 -23.33
C SER A 45 -21.74 6.16 -23.41
N THR A 46 -21.92 5.42 -24.51
CA THR A 46 -23.12 4.61 -24.69
C THR A 46 -22.81 3.23 -25.28
N ILE A 47 -21.62 2.70 -25.02
CA ILE A 47 -21.26 1.40 -25.58
C ILE A 47 -22.10 0.28 -24.94
N VAL A 48 -22.09 0.23 -23.62
CA VAL A 48 -22.85 -0.79 -22.90
C VAL A 48 -24.02 -0.13 -22.20
N LYS A 49 -25.17 -0.07 -22.86
CA LYS A 49 -26.31 0.72 -22.37
C LYS A 49 -26.84 0.28 -20.99
N GLN A 50 -26.39 -0.83 -20.39
CA GLN A 50 -26.68 -1.12 -18.99
C GLN A 50 -25.60 -0.53 -18.09
N MET A 51 -25.33 0.76 -18.27
CA MET A 51 -24.05 1.32 -17.87
C MET A 51 -24.04 1.81 -16.42
N LYS A 52 -25.07 2.55 -15.99
CA LYS A 52 -25.21 2.99 -14.60
C LYS A 52 -24.01 3.83 -14.15
N ILE A 53 -23.96 5.06 -14.69
CA ILE A 53 -22.79 5.93 -14.55
C ILE A 53 -22.29 5.96 -13.11
N ILE A 54 -23.13 6.37 -12.16
CA ILE A 54 -22.72 6.37 -10.76
C ILE A 54 -23.93 6.59 -9.88
N THR A 65 -14.73 18.94 -13.46
CA THR A 65 -14.98 17.52 -13.73
C THR A 65 -13.68 16.75 -13.88
N GLY A 66 -13.63 15.56 -13.27
CA GLY A 66 -12.44 14.74 -13.35
C GLY A 66 -12.67 13.41 -14.04
N ILE A 67 -12.37 12.32 -13.35
CA ILE A 67 -12.60 10.99 -13.89
C ILE A 67 -14.04 10.57 -13.61
N VAL A 68 -14.67 9.94 -14.59
CA VAL A 68 -16.06 9.51 -14.50
C VAL A 68 -16.06 7.98 -14.46
N GLU A 69 -16.22 7.41 -13.28
CA GLU A 69 -16.28 5.96 -13.16
C GLU A 69 -17.64 5.45 -13.58
N THR A 70 -17.69 4.17 -13.95
CA THR A 70 -18.93 3.51 -14.35
C THR A 70 -18.80 2.02 -14.06
N HIS A 71 -19.85 1.42 -13.50
CA HIS A 71 -19.69 0.16 -12.77
C HIS A 71 -20.75 -0.88 -13.15
N PHE A 72 -20.97 -1.07 -14.45
CA PHE A 72 -21.89 -2.12 -14.86
C PHE A 72 -21.35 -3.49 -14.47
N THR A 73 -22.26 -4.46 -14.36
CA THR A 73 -21.92 -5.82 -13.94
C THR A 73 -22.52 -6.83 -14.91
N PHE A 74 -21.81 -7.94 -15.12
CA PHE A 74 -22.18 -8.89 -16.16
C PHE A 74 -21.62 -10.25 -15.79
N LYS A 75 -22.49 -11.26 -15.69
CA LYS A 75 -22.10 -12.63 -15.37
C LYS A 75 -21.34 -12.70 -14.04
N ASN A 76 -21.95 -12.13 -13.01
CA ASN A 76 -21.41 -12.12 -11.64
C ASN A 76 -20.00 -11.52 -11.59
N LEU A 77 -19.68 -10.64 -12.54
CA LEU A 77 -18.39 -9.98 -12.60
C LEU A 77 -18.60 -8.49 -12.61
N HIS A 78 -17.75 -7.76 -11.88
CA HIS A 78 -17.89 -6.33 -11.71
C HIS A 78 -16.91 -5.62 -12.63
N PHE A 79 -17.44 -4.84 -13.57
CA PHE A 79 -16.64 -4.09 -14.53
C PHE A 79 -16.69 -2.61 -14.16
N ARG A 80 -15.52 -2.02 -13.93
CA ARG A 80 -15.39 -0.58 -13.68
C ARG A 80 -14.75 0.08 -14.89
N LEU A 81 -15.39 1.13 -15.41
CA LEU A 81 -14.93 1.82 -16.59
C LEU A 81 -14.67 3.27 -16.26
N PHE A 82 -13.48 3.77 -16.59
CA PHE A 82 -13.08 5.12 -16.28
C PHE A 82 -12.93 5.93 -17.56
N ASP A 83 -13.70 7.00 -17.69
CA ASP A 83 -13.63 7.88 -18.85
C ASP A 83 -12.79 9.09 -18.49
N VAL A 84 -11.55 9.12 -18.99
CA VAL A 84 -10.61 10.18 -18.64
C VAL A 84 -10.73 11.39 -19.56
N GLY A 85 -11.59 11.34 -20.57
CA GLY A 85 -11.86 12.52 -21.35
C GLY A 85 -12.45 13.63 -20.51
N GLY A 86 -12.39 14.86 -21.06
CA GLY A 86 -12.83 15.99 -20.28
C GLY A 86 -11.91 16.37 -19.15
N GLN A 87 -10.69 15.86 -19.12
CA GLN A 87 -9.71 16.26 -18.12
C GLN A 87 -9.00 17.53 -18.54
N ARG A 88 -8.54 17.59 -19.79
CA ARG A 88 -7.94 18.79 -20.38
C ARG A 88 -6.66 19.21 -19.66
N SER A 89 -5.75 18.25 -19.50
CA SER A 89 -4.43 18.51 -18.94
C SER A 89 -3.39 17.76 -19.75
N GLU A 90 -2.15 17.71 -19.28
CA GLU A 90 -1.11 16.92 -19.92
C GLU A 90 -1.29 15.47 -19.51
N ARG A 91 -1.76 14.64 -20.44
CA ARG A 91 -1.98 13.23 -20.14
C ARG A 91 -0.71 12.55 -19.64
N LYS A 92 0.46 13.03 -20.07
CA LYS A 92 1.71 12.42 -19.65
C LYS A 92 1.90 12.49 -18.14
N LYS A 93 1.17 13.36 -17.45
CA LYS A 93 1.40 13.61 -16.03
C LYS A 93 0.52 12.78 -15.11
N TRP A 94 -0.67 12.37 -15.54
CA TRP A 94 -1.57 11.61 -14.68
C TRP A 94 -1.96 10.26 -15.28
N ILE A 95 -1.32 9.83 -16.38
CA ILE A 95 -1.72 8.59 -17.03
C ILE A 95 -1.14 7.36 -16.36
N HIS A 96 -0.13 7.51 -15.51
CA HIS A 96 0.42 6.35 -14.82
C HIS A 96 -0.47 5.88 -13.68
N CYS A 97 -1.52 6.62 -13.33
CA CYS A 97 -2.49 6.12 -12.37
C CYS A 97 -3.21 4.90 -12.91
N PHE A 98 -3.46 4.87 -14.22
CA PHE A 98 -4.13 3.77 -14.89
C PHE A 98 -3.13 2.81 -15.54
N GLU A 99 -1.93 2.72 -14.99
CA GLU A 99 -0.92 1.82 -15.51
C GLU A 99 -1.25 0.36 -15.27
N ASP A 100 -2.22 0.08 -14.39
CA ASP A 100 -2.54 -1.29 -14.01
C ASP A 100 -4.01 -1.61 -14.23
N VAL A 101 -4.60 -1.08 -15.30
CA VAL A 101 -5.93 -1.47 -15.72
C VAL A 101 -5.80 -2.75 -16.53
N THR A 102 -6.93 -3.41 -16.78
CA THR A 102 -6.91 -4.68 -17.50
C THR A 102 -6.74 -4.48 -19.00
N ALA A 103 -7.58 -3.63 -19.58
CA ALA A 103 -7.52 -3.35 -21.00
C ALA A 103 -7.85 -1.89 -21.24
N ILE A 104 -7.72 -1.46 -22.49
CA ILE A 104 -8.00 -0.10 -22.90
C ILE A 104 -9.08 -0.16 -23.96
N ILE A 105 -10.30 0.17 -23.60
CA ILE A 105 -11.36 0.25 -24.59
C ILE A 105 -11.19 1.53 -25.40
N PHE A 106 -11.34 1.42 -26.71
CA PHE A 106 -11.11 2.56 -27.61
C PHE A 106 -12.27 2.63 -28.58
N CYS A 107 -12.93 3.78 -28.65
CA CYS A 107 -14.09 3.96 -29.50
C CYS A 107 -13.76 4.90 -30.65
N VAL A 108 -14.18 4.52 -31.85
CA VAL A 108 -13.94 5.30 -33.05
C VAL A 108 -15.26 5.43 -33.80
N ASP A 109 -15.60 6.66 -34.21
CA ASP A 109 -16.83 6.91 -34.94
C ASP A 109 -16.52 6.85 -36.42
N LEU A 110 -16.97 5.79 -37.08
CA LEU A 110 -16.69 5.60 -38.49
C LEU A 110 -17.42 6.58 -39.39
N SER A 111 -18.37 7.34 -38.83
CA SER A 111 -19.18 8.24 -39.66
C SER A 111 -18.51 9.60 -39.87
N ASP A 112 -17.49 9.94 -39.09
CA ASP A 112 -16.82 11.23 -39.20
C ASP A 112 -15.50 11.07 -39.93
N TYR A 113 -15.38 11.76 -41.06
CA TYR A 113 -14.12 11.79 -41.81
C TYR A 113 -13.18 12.88 -41.32
N ASN A 114 -13.64 13.76 -40.43
CA ASN A 114 -12.79 14.81 -39.90
C ASN A 114 -12.04 14.37 -38.66
N ARG A 115 -12.71 13.68 -37.75
CA ARG A 115 -12.10 13.21 -36.52
C ARG A 115 -11.24 11.97 -36.70
N MET A 116 -11.04 11.52 -37.94
CA MET A 116 -10.39 10.23 -38.14
C MET A 116 -8.89 10.30 -37.83
N HIS A 117 -8.21 11.34 -38.32
CA HIS A 117 -6.77 11.42 -38.09
C HIS A 117 -6.44 11.85 -36.67
N GLU A 118 -7.30 12.65 -36.04
CA GLU A 118 -7.14 12.91 -34.61
C GLU A 118 -7.21 11.62 -33.81
N SER A 119 -8.23 10.79 -34.09
CA SER A 119 -8.35 9.51 -33.42
C SER A 119 -7.18 8.60 -33.73
N LEU A 120 -6.64 8.67 -34.95
CA LEU A 120 -5.53 7.81 -35.33
C LEU A 120 -4.27 8.19 -34.59
N MET A 121 -3.99 9.50 -34.48
CA MET A 121 -2.83 9.93 -33.71
C MET A 121 -3.00 9.65 -32.22
N LEU A 122 -4.22 9.77 -31.70
CA LEU A 122 -4.44 9.46 -30.30
C LEU A 122 -4.24 7.97 -30.02
N PHE A 123 -4.70 7.12 -30.94
CA PHE A 123 -4.42 5.69 -30.82
C PHE A 123 -2.93 5.42 -30.86
N ASP A 124 -2.21 6.06 -31.79
CA ASP A 124 -0.78 5.87 -31.86
C ASP A 124 -0.09 6.31 -30.57
N SER A 125 -0.59 7.37 -29.94
CA SER A 125 0.03 7.87 -28.72
C SER A 125 -0.23 6.93 -27.55
N ILE A 126 -1.46 6.48 -27.37
CA ILE A 126 -1.77 5.63 -26.23
C ILE A 126 -1.32 4.19 -26.44
N CYS A 127 -1.05 3.78 -27.67
CA CYS A 127 -0.70 2.39 -27.92
C CYS A 127 0.78 2.12 -27.65
N ASN A 128 1.64 3.10 -27.93
CA ASN A 128 3.08 2.93 -27.75
C ASN A 128 3.59 3.71 -26.54
N ASN A 129 2.72 4.01 -25.58
CA ASN A 129 3.16 4.59 -24.33
C ASN A 129 4.06 3.61 -23.59
N LYS A 130 4.84 4.14 -22.63
CA LYS A 130 5.78 3.28 -21.93
C LYS A 130 5.14 2.52 -20.78
N PHE A 131 4.01 2.99 -20.27
CA PHE A 131 3.28 2.25 -19.24
C PHE A 131 2.31 1.24 -19.83
N PHE A 132 1.89 1.44 -21.08
CA PHE A 132 0.94 0.58 -21.76
C PHE A 132 1.64 -0.21 -22.87
N ILE A 133 2.86 -0.66 -22.59
CA ILE A 133 3.63 -1.42 -23.58
C ILE A 133 3.20 -2.87 -23.63
N ASP A 134 2.40 -3.33 -22.68
CA ASP A 134 1.86 -4.69 -22.73
C ASP A 134 0.39 -4.75 -22.31
N THR A 135 -0.34 -3.65 -22.44
CA THR A 135 -1.76 -3.60 -22.11
C THR A 135 -2.55 -3.70 -23.41
N SER A 136 -3.40 -4.72 -23.50
CA SER A 136 -4.14 -4.97 -24.73
C SER A 136 -5.29 -3.99 -24.87
N ILE A 137 -5.72 -3.80 -26.11
CA ILE A 137 -6.73 -2.81 -26.47
C ILE A 137 -7.95 -3.54 -27.00
N ILE A 138 -9.13 -3.00 -26.73
CA ILE A 138 -10.38 -3.51 -27.27
C ILE A 138 -10.97 -2.40 -28.13
N LEU A 139 -10.67 -2.41 -29.41
CA LEU A 139 -11.03 -1.30 -30.29
C LEU A 139 -12.43 -1.51 -30.83
N PHE A 140 -13.36 -0.63 -30.47
CA PHE A 140 -14.70 -0.61 -31.02
C PHE A 140 -14.76 0.41 -32.16
N LEU A 141 -15.41 0.03 -33.26
CA LEU A 141 -15.62 0.94 -34.38
C LEU A 141 -17.11 1.26 -34.43
N ASN A 142 -17.51 2.29 -33.67
CA ASN A 142 -18.91 2.61 -33.49
C ASN A 142 -19.52 3.18 -34.76
N LYS A 143 -20.85 3.14 -34.80
CA LYS A 143 -21.65 3.79 -35.85
C LYS A 143 -21.23 3.33 -37.25
N LYS A 144 -21.27 2.01 -37.46
CA LYS A 144 -20.94 1.45 -38.76
C LYS A 144 -22.05 1.68 -39.78
N ASP A 145 -23.30 1.77 -39.32
CA ASP A 145 -24.42 1.87 -40.26
C ASP A 145 -24.39 3.20 -40.99
N LEU A 146 -24.19 4.31 -40.26
CA LEU A 146 -24.08 5.61 -40.91
C LEU A 146 -22.91 5.65 -41.88
N PHE A 147 -21.80 5.02 -41.51
CA PHE A 147 -20.65 4.92 -42.40
C PHE A 147 -21.02 4.21 -43.70
N GLY A 148 -21.64 3.04 -43.59
CA GLY A 148 -22.06 2.31 -44.77
C GLY A 148 -23.13 3.01 -45.58
N GLU A 149 -23.88 3.93 -44.95
CA GLU A 149 -24.90 4.67 -45.69
C GLU A 149 -24.30 5.86 -46.44
N LYS A 150 -23.38 6.56 -45.79
CA LYS A 150 -22.76 7.75 -46.40
C LYS A 150 -21.48 7.49 -47.22
N ILE A 151 -20.95 6.27 -47.18
CA ILE A 151 -19.76 5.98 -47.96
C ILE A 151 -20.06 6.08 -49.45
N LYS A 152 -21.30 5.79 -49.84
CA LYS A 152 -21.68 5.89 -51.25
C LYS A 152 -21.63 7.32 -51.74
N LYS A 153 -21.91 8.29 -50.86
CA LYS A 153 -21.86 9.69 -51.25
C LYS A 153 -20.47 10.27 -51.11
N SER A 154 -19.85 10.11 -49.94
CA SER A 154 -18.51 10.62 -49.66
C SER A 154 -17.56 9.42 -49.59
N PRO A 155 -16.85 9.11 -50.67
CA PRO A 155 -15.99 7.92 -50.70
C PRO A 155 -14.88 8.01 -49.67
N LEU A 156 -14.21 6.87 -49.44
CA LEU A 156 -13.07 6.81 -48.52
C LEU A 156 -11.80 7.28 -49.22
N THR A 157 -11.87 8.49 -49.77
CA THR A 157 -10.72 9.15 -50.36
C THR A 157 -10.53 10.57 -49.89
N ILE A 158 -11.60 11.24 -49.43
CA ILE A 158 -11.43 12.56 -48.83
C ILE A 158 -10.70 12.46 -47.51
N CYS A 159 -10.82 11.31 -46.83
CA CYS A 159 -10.12 11.11 -45.56
C CYS A 159 -8.77 10.43 -45.78
N PHE A 160 -8.77 9.25 -46.38
CA PHE A 160 -7.53 8.54 -46.71
C PHE A 160 -7.27 8.65 -48.21
N PRO A 161 -6.36 9.51 -48.64
CA PRO A 161 -6.08 9.60 -50.09
C PRO A 161 -5.34 8.39 -50.63
N GLU A 162 -4.73 7.58 -49.76
CA GLU A 162 -3.96 6.42 -50.21
C GLU A 162 -4.83 5.21 -50.52
N TYR A 163 -6.15 5.34 -50.49
CA TYR A 163 -7.01 4.18 -50.67
C TYR A 163 -6.97 3.71 -52.12
N THR A 164 -6.91 2.38 -52.29
CA THR A 164 -6.82 1.78 -53.62
C THR A 164 -7.84 0.67 -53.88
N GLY A 165 -8.57 0.24 -52.87
CA GLY A 165 -9.46 -0.90 -53.02
C GLY A 165 -10.80 -0.51 -53.60
N PRO A 166 -11.62 -1.53 -53.87
CA PRO A 166 -12.97 -1.27 -54.39
C PRO A 166 -13.81 -0.55 -53.33
N ASN A 167 -14.24 0.66 -53.68
CA ASN A 167 -14.84 1.53 -52.70
C ASN A 167 -16.23 1.14 -52.31
N THR A 168 -16.27 0.16 -51.42
CA THR A 168 -17.53 -0.30 -50.86
C THR A 168 -17.39 -0.39 -49.35
N TYR A 169 -18.47 -0.78 -48.69
CA TYR A 169 -18.51 -0.76 -47.22
C TYR A 169 -17.49 -1.72 -46.63
N GLU A 170 -17.57 -3.01 -47.02
CA GLU A 170 -16.81 -4.04 -46.33
C GLU A 170 -15.30 -3.83 -46.45
N ASP A 171 -14.82 -3.53 -47.65
CA ASP A 171 -13.38 -3.43 -47.84
C ASP A 171 -12.84 -2.12 -47.27
N ALA A 172 -13.61 -1.03 -47.35
CA ALA A 172 -13.19 0.21 -46.71
C ALA A 172 -13.09 0.04 -45.19
N ALA A 173 -14.06 -0.65 -44.59
CA ALA A 173 -14.02 -0.88 -43.16
C ALA A 173 -12.83 -1.75 -42.78
N ALA A 174 -12.56 -2.80 -43.57
CA ALA A 174 -11.39 -3.63 -43.31
C ALA A 174 -10.11 -2.83 -43.43
N TYR A 175 -10.05 -1.90 -44.39
CA TYR A 175 -8.86 -1.07 -44.56
C TYR A 175 -8.65 -0.14 -43.37
N ILE A 176 -9.74 0.47 -42.87
CA ILE A 176 -9.61 1.36 -41.71
C ILE A 176 -9.18 0.57 -40.49
N GLN A 177 -9.76 -0.61 -40.28
CA GLN A 177 -9.36 -1.45 -39.15
C GLN A 177 -7.90 -1.85 -39.26
N ALA A 178 -7.44 -2.19 -40.47
CA ALA A 178 -6.05 -2.56 -40.64
C ALA A 178 -5.12 -1.37 -40.41
N GLN A 179 -5.53 -0.17 -40.81
CA GLN A 179 -4.70 1.00 -40.57
C GLN A 179 -4.65 1.35 -39.09
N PHE A 180 -5.70 1.03 -38.33
CA PHE A 180 -5.63 1.22 -36.89
C PHE A 180 -4.71 0.21 -36.24
N GLU A 181 -4.80 -1.06 -36.63
CA GLU A 181 -3.91 -2.06 -36.06
C GLU A 181 -2.47 -1.92 -36.53
N SER A 182 -2.22 -1.20 -37.63
CA SER A 182 -0.87 -1.05 -38.13
C SER A 182 0.06 -0.30 -37.18
N LYS A 183 -0.47 0.26 -36.10
CA LYS A 183 0.32 1.06 -35.17
C LYS A 183 0.74 0.28 -33.93
N ASN A 184 0.48 -1.02 -33.89
CA ASN A 184 0.77 -1.80 -32.69
C ASN A 184 2.26 -1.80 -32.38
N ARG A 185 3.06 -2.39 -33.27
CA ARG A 185 4.52 -2.39 -33.20
C ARG A 185 5.07 -3.08 -31.96
N SER A 186 4.25 -3.83 -31.22
CA SER A 186 4.73 -4.44 -29.99
C SER A 186 4.14 -5.82 -29.80
N PRO A 187 4.92 -6.78 -29.33
CA PRO A 187 4.35 -8.07 -28.93
C PRO A 187 3.61 -7.96 -27.61
N ASN A 188 3.08 -9.07 -27.11
CA ASN A 188 2.35 -9.14 -25.85
C ASN A 188 1.10 -8.26 -25.84
N LYS A 189 0.73 -7.70 -26.98
CA LYS A 189 -0.40 -6.76 -27.05
C LYS A 189 -1.22 -7.11 -28.28
N GLU A 190 -2.44 -7.57 -28.05
CA GLU A 190 -3.36 -7.91 -29.13
C GLU A 190 -4.50 -6.90 -29.14
N ILE A 191 -4.93 -6.53 -30.33
CA ILE A 191 -5.94 -5.49 -30.51
C ILE A 191 -7.21 -6.18 -31.00
N TYR A 192 -8.17 -6.35 -30.10
CA TYR A 192 -9.43 -7.01 -30.42
C TYR A 192 -10.38 -5.99 -31.04
N CYS A 193 -10.70 -6.16 -32.31
CA CYS A 193 -11.58 -5.23 -32.99
C CYS A 193 -13.02 -5.73 -32.94
N HIS A 194 -13.95 -4.82 -33.22
CA HIS A 194 -15.37 -5.10 -33.29
C HIS A 194 -16.03 -3.90 -33.93
N MET A 195 -17.27 -4.08 -34.39
CA MET A 195 -17.99 -3.01 -35.09
C MET A 195 -19.39 -2.88 -34.49
N THR A 196 -19.51 -2.06 -33.46
CA THR A 196 -20.81 -1.76 -32.86
C THR A 196 -21.61 -0.87 -33.80
N CYS A 197 -22.92 -1.13 -33.86
CA CYS A 197 -23.82 -0.35 -34.72
C CYS A 197 -24.69 0.62 -33.93
N ALA A 198 -24.72 0.51 -32.61
CA ALA A 198 -25.42 1.39 -31.67
C ALA A 198 -26.93 1.24 -31.69
N THR A 199 -27.49 0.38 -32.54
CA THR A 199 -28.93 0.16 -32.52
C THR A 199 -29.32 -1.31 -32.42
N ASP A 200 -28.55 -2.21 -33.04
CA ASP A 200 -28.86 -3.63 -33.02
C ASP A 200 -27.63 -4.43 -32.58
N THR A 201 -26.95 -3.96 -31.54
CA THR A 201 -25.79 -4.65 -30.99
C THR A 201 -25.78 -4.51 -29.47
N ASN A 202 -25.46 -5.60 -28.79
CA ASN A 202 -25.28 -5.61 -27.34
C ASN A 202 -23.91 -6.21 -27.06
N ASN A 203 -22.97 -5.35 -26.67
CA ASN A 203 -21.55 -5.67 -26.69
C ASN A 203 -20.93 -5.60 -25.29
N ALA A 204 -21.62 -6.16 -24.31
CA ALA A 204 -20.97 -6.51 -23.06
C ALA A 204 -20.35 -7.91 -23.12
N GLN A 205 -20.92 -8.79 -23.94
CA GLN A 205 -20.31 -10.09 -24.17
C GLN A 205 -18.98 -9.97 -24.91
N VAL A 206 -18.86 -8.96 -25.77
CA VAL A 206 -17.60 -8.76 -26.48
C VAL A 206 -16.49 -8.35 -25.50
N ILE A 207 -16.80 -7.41 -24.61
CA ILE A 207 -15.84 -7.02 -23.58
C ILE A 207 -15.53 -8.20 -22.67
N PHE A 208 -16.55 -9.00 -22.35
CA PHE A 208 -16.32 -10.15 -21.47
C PHE A 208 -15.37 -11.16 -22.11
N ASP A 209 -15.59 -11.50 -23.37
CA ASP A 209 -14.71 -12.44 -24.07
C ASP A 209 -13.31 -11.88 -24.22
N ALA A 210 -13.19 -10.61 -24.60
CA ALA A 210 -11.88 -10.01 -24.76
C ALA A 210 -11.11 -10.00 -23.44
N VAL A 211 -11.79 -9.67 -22.34
CA VAL A 211 -11.10 -9.62 -21.05
C VAL A 211 -10.74 -11.01 -20.58
N THR A 212 -11.60 -12.00 -20.83
CA THR A 212 -11.24 -13.38 -20.51
C THR A 212 -9.97 -13.79 -21.24
N ASP A 213 -9.88 -13.48 -22.53
CA ASP A 213 -8.68 -13.84 -23.29
C ASP A 213 -7.46 -13.08 -22.80
N ILE A 214 -7.62 -11.80 -22.45
CA ILE A 214 -6.50 -11.01 -21.97
C ILE A 214 -5.96 -11.58 -20.66
N ILE A 215 -6.85 -11.94 -19.75
CA ILE A 215 -6.42 -12.44 -18.46
C ILE A 215 -5.81 -13.82 -18.60
N ILE A 216 -6.35 -14.65 -19.49
CA ILE A 216 -5.75 -15.95 -19.74
C ILE A 216 -4.34 -15.80 -20.29
N ALA A 217 -4.14 -14.83 -21.18
CA ALA A 217 -2.80 -14.61 -21.72
C ALA A 217 -1.85 -14.10 -20.66
N ASN A 218 -2.32 -13.21 -19.78
CA ASN A 218 -1.49 -12.78 -18.65
C ASN A 218 -1.05 -13.96 -17.81
N ASN A 219 -1.99 -14.85 -17.49
CA ASN A 219 -1.68 -15.99 -16.64
C ASN A 219 -0.72 -16.95 -17.33
N LEU A 220 -0.96 -17.26 -18.61
CA LEU A 220 -0.07 -18.15 -19.34
C LEU A 220 1.30 -17.55 -19.58
N ARG A 221 1.42 -16.22 -19.59
CA ARG A 221 2.73 -15.61 -19.63
C ARG A 221 3.38 -15.53 -18.26
N GLY A 222 2.63 -15.72 -17.12
CA GLY A 222 3.20 -15.91 -15.79
C GLY A 222 3.75 -17.29 -15.53
N CYS A 223 3.43 -18.27 -16.37
CA CYS A 223 3.97 -19.62 -16.28
C CYS A 223 4.99 -19.88 -17.37
N GLY A 224 5.72 -18.86 -17.77
CA GLY A 224 6.81 -19.03 -18.72
C GLY A 224 6.48 -18.95 -20.18
N LEU A 225 5.30 -19.42 -20.57
CA LEU A 225 4.93 -19.48 -21.97
C LEU A 225 4.91 -18.09 -22.58
N TYR A 226 5.56 -17.93 -23.73
CA TYR A 226 5.56 -16.68 -24.45
C TYR A 226 5.18 -16.88 -25.90
N GLU B 3 0.98 45.77 -33.94
CA GLU B 3 1.61 46.69 -32.99
C GLU B 3 1.98 45.94 -31.71
N LEU B 4 1.43 44.74 -31.55
CA LEU B 4 1.76 43.90 -30.41
C LEU B 4 3.26 43.57 -30.38
N ASP B 5 3.91 43.57 -31.55
CA ASP B 5 5.35 43.32 -31.57
C ASP B 5 6.12 44.39 -30.83
N GLN B 6 5.56 45.60 -30.70
CA GLN B 6 6.19 46.62 -29.86
C GLN B 6 6.24 46.17 -28.41
N LEU B 7 5.10 45.72 -27.87
CA LEU B 7 5.07 45.22 -26.51
C LEU B 7 5.97 43.99 -26.37
N ARG B 8 6.03 43.16 -27.40
CA ARG B 8 6.90 41.98 -27.34
C ARG B 8 8.37 42.39 -27.28
N GLN B 9 8.77 43.38 -28.07
CA GLN B 9 10.15 43.85 -28.03
C GLN B 9 10.48 44.47 -26.69
N GLU B 10 9.52 45.19 -26.09
CA GLU B 10 9.78 45.76 -24.77
C GLU B 10 9.90 44.66 -23.73
N ALA B 11 9.08 43.60 -23.83
CA ALA B 11 9.19 42.48 -22.91
C ALA B 11 10.54 41.79 -23.06
N GLU B 12 11.00 41.58 -24.30
CA GLU B 12 12.27 40.91 -24.49
C GLU B 12 13.43 41.79 -24.05
N GLN B 13 13.31 43.12 -24.20
CA GLN B 13 14.31 44.02 -23.65
C GLN B 13 14.37 43.93 -22.14
N LEU B 14 13.20 43.84 -21.50
CA LEU B 14 13.18 43.67 -20.04
C LEU B 14 13.83 42.35 -19.63
N LYS B 15 13.56 41.27 -20.37
CA LYS B 15 14.20 39.99 -20.07
C LYS B 15 15.70 40.07 -20.25
N ASN B 16 16.16 40.82 -21.28
CA ASN B 16 17.59 40.96 -21.50
C ASN B 16 18.23 41.74 -20.36
N GLN B 17 17.59 42.82 -19.92
CA GLN B 17 18.13 43.58 -18.79
C GLN B 17 18.18 42.73 -17.53
N ILE B 18 17.16 41.89 -17.31
CA ILE B 18 17.15 41.01 -16.14
C ILE B 18 18.31 40.01 -16.23
N ARG B 19 18.51 39.44 -17.42
CA ARG B 19 19.58 38.46 -17.59
C ARG B 19 20.95 39.11 -17.39
N ASP B 20 21.13 40.32 -17.89
CA ASP B 20 22.42 40.99 -17.70
C ASP B 20 22.62 41.39 -16.24
N ALA B 21 21.55 41.74 -15.52
CA ALA B 21 21.71 42.00 -14.09
C ALA B 21 22.09 40.73 -13.35
N ARG B 22 21.46 39.61 -13.69
CA ARG B 22 21.84 38.33 -13.09
C ARG B 22 23.30 38.01 -13.37
N LYS B 23 23.76 38.27 -14.59
CA LYS B 23 25.15 37.99 -14.94
C LYS B 23 26.10 38.96 -14.26
N ALA B 24 25.66 40.18 -13.98
CA ALA B 24 26.50 41.15 -13.29
C ALA B 24 26.64 40.82 -11.81
N CYS B 25 25.58 40.28 -11.20
CA CYS B 25 25.67 39.90 -9.80
C CYS B 25 26.38 38.57 -9.60
N ALA B 26 26.65 37.82 -10.67
CA ALA B 26 27.34 36.54 -10.58
C ALA B 26 28.84 36.78 -10.65
N ASP B 27 29.47 36.87 -9.48
CA ASP B 27 30.91 37.10 -9.40
C ASP B 27 31.71 35.87 -9.05
N ALA B 28 31.07 34.83 -8.50
CA ALA B 28 31.78 33.63 -8.07
C ALA B 28 30.84 32.45 -8.24
N THR B 29 31.20 31.33 -7.62
CA THR B 29 30.40 30.11 -7.67
C THR B 29 30.36 29.49 -6.29
N LEU B 30 29.24 28.83 -5.97
CA LEU B 30 29.14 28.13 -4.70
C LEU B 30 30.16 27.01 -4.63
N SER B 31 30.43 26.34 -5.75
CA SER B 31 31.42 25.27 -5.76
C SER B 31 32.82 25.81 -5.54
N GLN B 32 33.18 26.89 -6.24
CA GLN B 32 34.51 27.47 -6.08
C GLN B 32 34.72 28.03 -4.68
N ILE B 33 33.65 28.50 -4.03
CA ILE B 33 33.78 29.01 -2.67
C ILE B 33 33.93 27.86 -1.68
N THR B 34 33.03 26.88 -1.74
CA THR B 34 33.07 25.76 -0.80
C THR B 34 34.07 24.68 -1.21
N ASN B 35 34.94 24.96 -2.19
CA ASN B 35 36.03 24.04 -2.50
C ASN B 35 36.94 23.78 -1.32
N ASN B 36 36.95 24.64 -0.31
CA ASN B 36 37.89 24.54 0.79
C ASN B 36 37.39 23.72 1.97
N ILE B 37 36.07 23.56 2.14
CA ILE B 37 35.55 22.80 3.25
C ILE B 37 35.83 21.31 3.05
N ASP B 38 35.66 20.54 4.12
CA ASP B 38 35.99 19.13 3.97
C ASP B 38 34.76 18.31 3.60
N PRO B 39 34.90 17.31 2.74
CA PRO B 39 33.73 16.59 2.25
C PRO B 39 33.17 15.63 3.30
N VAL B 40 31.84 15.53 3.31
CA VAL B 40 31.17 14.57 4.16
C VAL B 40 31.55 13.16 3.74
N GLY B 41 31.95 12.35 4.70
CA GLY B 41 32.27 10.96 4.42
C GLY B 41 31.06 10.21 3.91
N ARG B 42 31.32 9.01 3.41
CA ARG B 42 30.26 8.15 2.90
C ARG B 42 29.16 7.97 3.95
N ILE B 43 27.92 8.13 3.51
CA ILE B 43 26.76 8.10 4.40
C ILE B 43 26.07 6.75 4.23
N GLN B 44 25.92 6.02 5.34
CA GLN B 44 25.31 4.69 5.34
C GLN B 44 24.09 4.72 6.24
N MET B 45 22.94 5.08 5.67
CA MET B 45 21.66 4.94 6.34
C MET B 45 21.09 3.56 6.04
N ARG B 46 20.48 2.95 7.05
CA ARG B 46 19.92 1.62 6.88
C ARG B 46 18.47 1.61 7.33
N THR B 47 17.69 0.72 6.74
CA THR B 47 16.25 0.68 6.98
C THR B 47 15.96 0.32 8.42
N ARG B 48 15.30 1.24 9.14
CA ARG B 48 14.93 0.99 10.53
C ARG B 48 13.56 0.33 10.64
N ARG B 49 12.56 0.88 9.96
CA ARG B 49 11.22 0.34 9.96
C ARG B 49 10.80 0.03 8.52
N THR B 50 9.78 -0.81 8.40
CA THR B 50 9.08 -1.01 7.14
C THR B 50 7.60 -0.98 7.44
N LEU B 51 6.92 0.05 6.96
CA LEU B 51 5.49 0.22 7.18
C LEU B 51 4.75 -0.40 6.00
N ARG B 52 4.12 -1.56 6.22
CA ARG B 52 3.40 -2.25 5.17
C ARG B 52 1.93 -2.36 5.54
N GLY B 53 1.08 -2.46 4.52
CA GLY B 53 -0.34 -2.42 4.74
C GLY B 53 -1.11 -1.75 3.61
N HIS B 54 -0.43 -1.05 2.74
CA HIS B 54 -1.05 -0.55 1.52
C HIS B 54 -1.08 -1.66 0.49
N LEU B 55 -2.10 -1.63 -0.37
CA LEU B 55 -2.28 -2.67 -1.37
C LEU B 55 -1.97 -2.21 -2.78
N ALA B 56 -1.62 -0.94 -2.97
CA ALA B 56 -1.34 -0.38 -4.29
C ALA B 56 -0.18 0.59 -4.17
N LYS B 57 0.02 1.38 -5.22
CA LYS B 57 1.11 2.34 -5.24
C LYS B 57 0.88 3.44 -4.22
N ILE B 58 1.96 3.96 -3.67
CA ILE B 58 1.92 5.06 -2.73
C ILE B 58 2.31 6.33 -3.47
N TYR B 59 1.46 7.34 -3.40
CA TYR B 59 1.68 8.56 -4.17
C TYR B 59 2.13 9.74 -3.35
N ALA B 60 1.85 9.77 -2.05
CA ALA B 60 2.30 10.87 -1.22
C ALA B 60 2.43 10.40 0.22
N MET B 61 3.28 11.09 0.98
CA MET B 61 3.37 10.96 2.42
C MET B 61 3.72 12.31 3.01
N HIS B 62 3.55 12.44 4.32
CA HIS B 62 3.86 13.69 4.99
C HIS B 62 4.04 13.42 6.47
N TRP B 63 5.10 13.96 7.06
CA TRP B 63 5.33 13.85 8.49
C TRP B 63 4.50 14.88 9.24
N GLY B 64 4.16 14.56 10.49
CA GLY B 64 3.59 15.54 11.38
C GLY B 64 4.66 16.30 12.13
N THR B 65 4.27 17.42 12.72
CA THR B 65 5.24 18.24 13.44
C THR B 65 5.79 17.55 14.67
N ASP B 66 5.08 16.58 15.22
CA ASP B 66 5.54 15.85 16.39
C ASP B 66 6.65 14.85 16.07
N SER B 67 6.93 14.63 14.79
CA SER B 67 8.05 13.81 14.32
C SER B 67 7.87 12.33 14.60
N ARG B 68 6.64 11.87 14.79
CA ARG B 68 6.37 10.47 15.06
C ARG B 68 5.31 9.88 14.15
N LEU B 69 4.29 10.64 13.77
CA LEU B 69 3.19 10.17 12.94
C LEU B 69 3.33 10.70 11.52
N LEU B 70 2.88 9.90 10.55
CA LEU B 70 2.87 10.33 9.15
C LEU B 70 1.65 9.78 8.43
N VAL B 71 1.24 10.47 7.36
CA VAL B 71 0.14 10.04 6.51
C VAL B 71 0.71 9.39 5.26
N SER B 72 0.00 8.41 4.73
CA SER B 72 0.29 7.85 3.42
C SER B 72 -0.99 7.86 2.61
N ALA B 73 -0.90 8.33 1.38
CA ALA B 73 -2.02 8.29 0.44
C ALA B 73 -1.69 7.32 -0.67
N SER B 74 -2.62 6.43 -0.96
CA SER B 74 -2.36 5.35 -1.90
C SER B 74 -3.53 5.22 -2.85
N GLN B 75 -3.30 4.48 -3.94
CA GLN B 75 -4.26 4.33 -5.01
C GLN B 75 -5.29 3.23 -4.76
N ASP B 76 -5.16 2.47 -3.69
CA ASP B 76 -6.24 1.57 -3.28
C ASP B 76 -7.33 2.32 -2.53
N GLY B 77 -7.27 3.63 -2.46
CA GLY B 77 -8.32 4.43 -1.87
C GLY B 77 -8.19 4.65 -0.39
N LYS B 78 -7.06 4.32 0.21
CA LYS B 78 -6.86 4.42 1.65
C LYS B 78 -5.97 5.60 1.98
N LEU B 79 -6.05 6.02 3.24
CA LEU B 79 -5.25 7.11 3.78
C LEU B 79 -4.91 6.70 5.21
N ILE B 80 -3.79 6.03 5.38
CA ILE B 80 -3.41 5.48 6.66
C ILE B 80 -2.55 6.47 7.42
N ILE B 81 -2.80 6.59 8.72
CA ILE B 81 -1.98 7.38 9.62
C ILE B 81 -1.17 6.41 10.47
N TRP B 82 0.14 6.50 10.40
CA TRP B 82 1.04 5.55 11.03
C TRP B 82 1.60 6.11 12.32
N ASP B 83 2.14 5.21 13.12
CA ASP B 83 2.98 5.53 14.26
C ASP B 83 4.36 4.97 13.92
N SER B 84 5.30 5.85 13.58
CA SER B 84 6.55 5.39 13.00
C SER B 84 7.48 4.72 14.01
N TYR B 85 7.33 5.02 15.30
CA TYR B 85 8.16 4.35 16.30
C TYR B 85 7.78 2.89 16.45
N THR B 86 6.48 2.61 16.54
CA THR B 86 5.99 1.28 16.82
C THR B 86 5.47 0.54 15.60
N THR B 87 5.31 1.23 14.46
CA THR B 87 4.72 0.71 13.23
C THR B 87 3.24 0.36 13.38
N ASN B 88 2.56 0.95 14.34
CA ASN B 88 1.13 0.78 14.48
C ASN B 88 0.40 1.66 13.49
N LYS B 89 -0.81 1.27 13.15
CA LYS B 89 -1.71 2.12 12.40
C LYS B 89 -2.66 2.81 13.36
N VAL B 90 -2.66 4.13 13.34
CA VAL B 90 -3.53 4.90 14.21
C VAL B 90 -4.92 5.05 13.62
N HIS B 91 -4.99 5.37 12.33
CA HIS B 91 -6.24 5.51 11.61
C HIS B 91 -6.08 4.87 10.26
N ALA B 92 -7.21 4.52 9.65
CA ALA B 92 -7.25 4.13 8.24
C ALA B 92 -8.51 4.75 7.66
N ILE B 93 -8.34 5.69 6.75
CA ILE B 93 -9.40 6.58 6.31
C ILE B 93 -9.79 6.19 4.88
N PRO B 94 -11.03 5.78 4.64
CA PRO B 94 -11.43 5.40 3.28
C PRO B 94 -11.82 6.63 2.47
N LEU B 95 -11.21 6.77 1.30
CA LEU B 95 -11.36 7.97 0.49
C LEU B 95 -12.51 7.82 -0.49
N ARG B 96 -13.13 8.95 -0.81
CA ARG B 96 -14.29 8.96 -1.70
C ARG B 96 -13.90 8.60 -3.13
N SER B 97 -12.68 8.95 -3.54
CA SER B 97 -12.18 8.65 -4.87
C SER B 97 -10.75 8.15 -4.75
N SER B 98 -10.47 7.01 -5.37
CA SER B 98 -9.19 6.34 -5.17
C SER B 98 -8.04 7.01 -5.91
N TRP B 99 -8.30 7.97 -6.79
CA TRP B 99 -7.24 8.62 -7.57
C TRP B 99 -6.73 9.81 -6.78
N VAL B 100 -5.75 9.58 -5.91
CA VAL B 100 -5.19 10.60 -5.05
C VAL B 100 -3.72 10.79 -5.39
N MET B 101 -3.29 12.05 -5.43
CA MET B 101 -1.94 12.38 -5.82
C MET B 101 -1.22 13.24 -4.79
N THR B 102 -1.80 13.44 -3.61
CA THR B 102 -1.18 14.30 -2.61
C THR B 102 -1.87 14.09 -1.27
N CYS B 103 -1.18 14.49 -0.20
CA CYS B 103 -1.71 14.44 1.16
C CYS B 103 -0.89 15.37 2.03
N ALA B 104 -1.52 15.90 3.06
CA ALA B 104 -0.87 16.81 3.98
C ALA B 104 -1.38 16.58 5.39
N TYR B 105 -0.48 16.71 6.37
CA TYR B 105 -0.82 16.64 7.78
C TYR B 105 -0.78 18.06 8.31
N ALA B 106 -1.81 18.47 9.03
CA ALA B 106 -1.81 19.82 9.57
C ALA B 106 -0.68 19.96 10.58
N PRO B 107 -0.07 21.16 10.68
CA PRO B 107 0.98 21.34 11.68
C PRO B 107 0.49 21.20 13.11
N SER B 108 -0.77 21.51 13.38
CA SER B 108 -1.33 21.27 14.70
C SER B 108 -1.55 19.80 14.97
N GLY B 109 -1.79 19.00 13.95
CA GLY B 109 -2.07 17.59 14.12
C GLY B 109 -3.54 17.23 14.09
N ASN B 110 -4.42 18.21 13.89
CA ASN B 110 -5.85 17.97 13.97
C ASN B 110 -6.45 17.52 12.64
N TYR B 111 -5.94 18.01 11.52
CA TYR B 111 -6.53 17.77 10.22
C TYR B 111 -5.57 17.05 9.29
N VAL B 112 -6.14 16.53 8.21
CA VAL B 112 -5.40 15.84 7.16
C VAL B 112 -6.13 16.12 5.85
N ALA B 113 -5.40 16.57 4.84
CA ALA B 113 -5.96 16.89 3.54
C ALA B 113 -5.60 15.81 2.53
N CYS B 114 -6.29 15.84 1.40
CA CYS B 114 -6.08 14.87 0.34
C CYS B 114 -6.69 15.41 -0.94
N GLY B 115 -6.19 14.95 -2.07
CA GLY B 115 -6.70 15.40 -3.34
C GLY B 115 -6.07 14.62 -4.47
N GLY B 116 -6.64 14.79 -5.65
CA GLY B 116 -6.16 14.04 -6.79
C GLY B 116 -6.87 14.35 -8.08
N LEU B 117 -7.25 13.30 -8.82
CA LEU B 117 -7.85 13.47 -10.14
C LEU B 117 -9.28 14.00 -10.10
N ASP B 118 -9.93 14.01 -8.94
CA ASP B 118 -11.30 14.53 -8.87
C ASP B 118 -11.35 16.04 -8.73
N ASN B 119 -10.21 16.73 -8.77
CA ASN B 119 -10.08 18.18 -8.72
C ASN B 119 -10.52 18.78 -7.39
N ILE B 120 -10.72 17.97 -6.36
CA ILE B 120 -11.21 18.43 -5.06
C ILE B 120 -10.13 18.16 -4.01
N CYS B 121 -10.00 19.09 -3.07
CA CYS B 121 -9.18 18.92 -1.88
C CYS B 121 -10.11 18.77 -0.69
N SER B 122 -10.17 17.58 -0.12
CA SER B 122 -11.07 17.30 0.98
C SER B 122 -10.30 17.22 2.29
N ILE B 123 -10.84 17.88 3.31
CA ILE B 123 -10.18 18.02 4.61
C ILE B 123 -10.83 17.05 5.59
N TYR B 124 -10.02 16.32 6.35
CA TYR B 124 -10.53 15.33 7.29
C TYR B 124 -10.25 15.76 8.72
N ASN B 125 -11.22 15.55 9.60
CA ASN B 125 -11.15 15.92 11.00
C ASN B 125 -10.78 14.70 11.82
N LEU B 126 -9.64 14.76 12.52
CA LEU B 126 -9.18 13.61 13.29
C LEU B 126 -9.62 13.65 14.74
N LYS B 127 -9.79 14.84 15.33
CA LYS B 127 -10.22 14.96 16.72
C LYS B 127 -11.73 15.22 16.79
N THR B 128 -12.50 14.24 16.35
CA THR B 128 -13.94 14.31 16.38
C THR B 128 -14.44 13.85 17.76
N ARG B 129 -15.59 14.37 18.18
CA ARG B 129 -16.13 13.94 19.46
C ARG B 129 -16.60 12.49 19.42
N GLU B 130 -17.16 12.05 18.30
CA GLU B 130 -17.32 10.63 18.06
C GLU B 130 -15.96 10.02 17.79
N GLY B 131 -15.93 8.69 17.66
CA GLY B 131 -14.64 8.05 17.50
C GLY B 131 -14.12 7.97 16.11
N ASN B 132 -14.91 8.34 15.13
CA ASN B 132 -14.55 8.17 13.73
C ASN B 132 -13.84 9.42 13.19
N VAL B 133 -13.30 9.29 11.99
CA VAL B 133 -12.69 10.39 11.27
C VAL B 133 -13.63 10.78 10.14
N ARG B 134 -14.17 11.99 10.22
CA ARG B 134 -15.16 12.47 9.27
C ARG B 134 -14.54 13.52 8.36
N VAL B 135 -14.99 13.56 7.11
CA VAL B 135 -14.53 14.58 6.18
C VAL B 135 -15.16 15.91 6.55
N SER B 136 -14.31 16.89 6.86
CA SER B 136 -14.80 18.15 7.40
C SER B 136 -15.24 19.11 6.32
N ARG B 137 -14.61 19.05 5.14
CA ARG B 137 -14.98 19.93 4.05
C ARG B 137 -14.42 19.36 2.74
N GLU B 138 -14.96 19.86 1.63
CA GLU B 138 -14.48 19.52 0.30
C GLU B 138 -14.32 20.83 -0.48
N LEU B 139 -13.08 21.20 -0.75
CA LEU B 139 -12.79 22.46 -1.42
C LEU B 139 -12.80 22.23 -2.92
N ALA B 140 -13.89 22.60 -3.57
CA ALA B 140 -14.07 22.38 -5.00
C ALA B 140 -14.11 23.73 -5.72
N GLY B 141 -12.97 24.14 -6.26
CA GLY B 141 -12.92 25.31 -7.12
C GLY B 141 -11.89 25.20 -8.23
N HIS B 142 -11.28 24.04 -8.38
CA HIS B 142 -10.21 23.84 -9.36
C HIS B 142 -10.75 23.10 -10.58
N THR B 143 -10.16 23.39 -11.74
CA THR B 143 -10.53 22.75 -12.99
C THR B 143 -9.45 21.82 -13.50
N GLY B 144 -8.64 21.27 -12.59
CA GLY B 144 -7.61 20.33 -12.97
C GLY B 144 -7.13 19.61 -11.73
N TYR B 145 -6.59 18.41 -11.95
CA TYR B 145 -6.15 17.56 -10.85
C TYR B 145 -5.25 18.34 -9.90
N LEU B 146 -5.37 18.04 -8.62
CA LEU B 146 -4.51 18.67 -7.62
C LEU B 146 -3.19 17.93 -7.51
N SER B 147 -2.10 18.68 -7.53
CA SER B 147 -0.76 18.14 -7.44
C SER B 147 -0.19 18.19 -6.04
N CYS B 148 -0.49 19.24 -5.29
CA CYS B 148 0.07 19.42 -3.96
C CYS B 148 -0.90 20.25 -3.15
N CYS B 149 -0.79 20.11 -1.82
CA CYS B 149 -1.60 20.88 -0.89
C CYS B 149 -0.83 20.98 0.42
N ARG B 150 -0.79 22.17 0.99
CA ARG B 150 -0.03 22.41 2.20
C ARG B 150 -0.84 23.30 3.13
N PHE B 151 -0.79 23.00 4.41
CA PHE B 151 -1.48 23.78 5.42
C PHE B 151 -0.65 24.96 5.86
N LEU B 152 -1.34 26.05 6.20
CA LEU B 152 -0.72 27.20 6.86
C LEU B 152 -1.18 27.33 8.30
N ASP B 153 -2.48 27.23 8.52
CA ASP B 153 -3.08 27.18 9.85
C ASP B 153 -3.97 25.96 9.90
N ASP B 154 -4.80 25.85 10.95
CA ASP B 154 -5.91 24.92 10.89
C ASP B 154 -6.97 25.38 9.90
N ASN B 155 -6.87 26.61 9.41
CA ASN B 155 -7.94 27.24 8.65
C ASN B 155 -7.53 27.75 7.28
N GLN B 156 -6.27 27.64 6.90
CA GLN B 156 -5.80 28.10 5.60
C GLN B 156 -4.97 27.01 4.96
N ILE B 157 -5.34 26.63 3.75
CA ILE B 157 -4.60 25.64 2.96
C ILE B 157 -4.34 26.24 1.58
N VAL B 158 -3.19 25.91 1.00
CA VAL B 158 -2.83 26.35 -0.33
C VAL B 158 -2.65 25.14 -1.21
N THR B 159 -3.35 25.10 -2.34
CA THR B 159 -3.35 23.97 -3.24
C THR B 159 -2.90 24.41 -4.63
N SER B 160 -2.20 23.53 -5.32
CA SER B 160 -1.76 23.77 -6.69
C SER B 160 -2.30 22.68 -7.59
N SER B 161 -2.81 23.07 -8.75
CA SER B 161 -3.49 22.13 -9.63
C SER B 161 -2.88 22.16 -11.02
N GLY B 162 -3.22 21.13 -11.79
CA GLY B 162 -2.81 21.06 -13.18
C GLY B 162 -3.69 21.86 -14.10
N ASP B 163 -4.32 22.91 -13.59
CA ASP B 163 -4.96 23.92 -14.43
C ASP B 163 -4.14 25.20 -14.46
N THR B 164 -2.85 25.11 -14.16
CA THR B 164 -1.87 26.19 -14.22
C THR B 164 -2.11 27.28 -13.18
N THR B 165 -2.76 26.97 -12.06
CA THR B 165 -2.99 27.95 -11.02
C THR B 165 -2.73 27.35 -9.64
N CYS B 166 -2.41 28.22 -8.70
CA CYS B 166 -2.39 27.91 -7.28
C CYS B 166 -3.44 28.77 -6.59
N ALA B 167 -3.94 28.29 -5.45
CA ALA B 167 -5.01 28.99 -4.77
C ALA B 167 -4.83 28.88 -3.28
N LEU B 168 -5.27 29.91 -2.56
CA LEU B 168 -5.27 29.93 -1.11
C LEU B 168 -6.70 29.91 -0.62
N TRP B 169 -7.04 28.94 0.22
CA TRP B 169 -8.41 28.69 0.62
C TRP B 169 -8.63 29.11 2.06
N ASP B 170 -9.84 29.58 2.33
CA ASP B 170 -10.33 29.78 3.69
C ASP B 170 -11.20 28.58 4.02
N ILE B 171 -10.69 27.68 4.85
CA ILE B 171 -11.35 26.38 5.05
C ILE B 171 -12.75 26.56 5.62
N GLU B 172 -12.85 27.19 6.79
CA GLU B 172 -14.14 27.31 7.45
C GLU B 172 -15.18 28.02 6.59
N THR B 173 -14.75 28.74 5.56
CA THR B 173 -15.66 29.40 4.62
C THR B 173 -15.81 28.61 3.32
N GLY B 174 -14.72 28.08 2.79
CA GLY B 174 -14.74 27.31 1.56
C GLY B 174 -14.43 28.09 0.30
N GLN B 175 -14.09 29.37 0.42
CA GLN B 175 -13.89 30.24 -0.72
C GLN B 175 -12.40 30.50 -0.95
N GLN B 176 -12.01 30.59 -2.21
CA GLN B 176 -10.64 30.96 -2.58
C GLN B 176 -10.38 32.39 -2.16
N THR B 177 -9.56 32.59 -1.13
CA THR B 177 -9.20 33.94 -0.72
C THR B 177 -8.31 34.61 -1.76
N THR B 178 -7.33 33.90 -2.28
CA THR B 178 -6.45 34.41 -3.31
C THR B 178 -6.25 33.32 -4.36
N THR B 179 -5.90 33.72 -5.57
CA THR B 179 -5.55 32.79 -6.64
C THR B 179 -4.26 33.28 -7.28
N PHE B 180 -3.24 32.43 -7.26
CA PHE B 180 -1.91 32.77 -7.76
C PHE B 180 -1.78 32.25 -9.20
N THR B 181 -2.10 33.10 -10.16
CA THR B 181 -2.03 32.75 -11.57
C THR B 181 -0.80 33.37 -12.22
N GLY B 182 -0.35 32.74 -13.29
CA GLY B 182 0.85 33.20 -13.97
C GLY B 182 1.71 32.10 -14.55
N HIS B 183 1.49 30.86 -14.12
CA HIS B 183 2.18 29.75 -14.76
C HIS B 183 1.55 29.45 -16.12
N THR B 184 2.33 28.82 -16.98
CA THR B 184 1.85 28.41 -18.29
C THR B 184 1.69 26.91 -18.45
N GLY B 185 2.15 26.13 -17.48
CA GLY B 185 2.01 24.69 -17.48
C GLY B 185 1.41 24.19 -16.18
N ASP B 186 1.20 22.89 -16.13
CA ASP B 186 0.59 22.28 -14.95
C ASP B 186 1.51 22.39 -13.75
N VAL B 187 1.03 23.05 -12.70
CA VAL B 187 1.81 23.15 -11.48
C VAL B 187 1.89 21.78 -10.82
N MET B 188 3.10 21.32 -10.54
CA MET B 188 3.31 19.96 -10.06
C MET B 188 3.69 19.88 -8.59
N SER B 189 4.04 21.00 -7.95
CA SER B 189 4.53 20.95 -6.59
C SER B 189 4.57 22.36 -6.03
N LEU B 190 4.54 22.44 -4.71
CA LEU B 190 4.72 23.70 -4.01
C LEU B 190 5.44 23.42 -2.71
N SER B 191 5.99 24.47 -2.12
CA SER B 191 6.70 24.35 -0.86
C SER B 191 6.57 25.65 -0.11
N LEU B 192 6.22 25.57 1.17
CA LEU B 192 6.01 26.75 1.98
C LEU B 192 7.30 27.15 2.68
N ALA B 193 7.53 28.45 2.79
CA ALA B 193 8.71 28.95 3.48
C ALA B 193 8.61 28.64 4.97
N PRO B 194 9.75 28.47 5.63
CA PRO B 194 9.72 28.10 7.06
C PRO B 194 9.12 29.16 7.97
N ASP B 195 8.66 30.28 7.42
CA ASP B 195 7.84 31.24 8.16
C ASP B 195 6.43 31.36 7.60
N THR B 196 6.11 30.60 6.55
CA THR B 196 4.76 30.53 5.97
C THR B 196 4.26 31.91 5.54
N ARG B 197 5.16 32.72 4.98
CA ARG B 197 4.80 33.97 4.35
C ARG B 197 5.02 33.95 2.85
N LEU B 198 5.91 33.10 2.35
CA LEU B 198 6.17 32.93 0.94
C LEU B 198 6.01 31.45 0.59
N PHE B 199 5.94 31.16 -0.71
CA PHE B 199 6.01 29.78 -1.16
C PHE B 199 6.41 29.76 -2.62
N VAL B 200 7.05 28.66 -3.02
CA VAL B 200 7.50 28.47 -4.39
C VAL B 200 6.70 27.35 -5.02
N SER B 201 6.56 27.41 -6.34
CA SER B 201 5.85 26.39 -7.09
C SER B 201 6.64 26.04 -8.33
N GLY B 202 6.67 24.76 -8.68
CA GLY B 202 7.35 24.32 -9.88
C GLY B 202 6.40 23.66 -10.84
N ALA B 203 6.33 24.16 -12.06
CA ALA B 203 5.34 23.72 -13.03
C ALA B 203 6.00 23.06 -14.23
N CYS B 204 5.17 22.42 -15.05
CA CYS B 204 5.63 21.68 -16.22
C CYS B 204 6.20 22.59 -17.31
N ASP B 205 6.11 23.91 -17.16
CA ASP B 205 6.74 24.81 -18.11
C ASP B 205 8.21 25.05 -17.80
N ALA B 206 8.83 24.17 -17.00
CA ALA B 206 10.25 24.24 -16.65
C ALA B 206 10.59 25.57 -15.97
N SER B 207 9.78 25.96 -15.00
CA SER B 207 9.96 27.26 -14.35
C SER B 207 9.49 27.16 -12.91
N ALA B 208 10.10 27.97 -12.06
CA ALA B 208 9.69 28.10 -10.67
C ALA B 208 9.41 29.57 -10.37
N LYS B 209 8.47 29.82 -9.47
CA LYS B 209 8.06 31.18 -9.14
C LYS B 209 8.02 31.34 -7.62
N LEU B 210 8.09 32.59 -7.18
CA LEU B 210 8.13 32.91 -5.76
C LEU B 210 6.92 33.78 -5.43
N TRP B 211 5.92 33.18 -4.81
CA TRP B 211 4.66 33.85 -4.53
C TRP B 211 4.66 34.47 -3.14
N ASP B 212 3.85 35.51 -2.98
CA ASP B 212 3.62 36.15 -1.69
C ASP B 212 2.20 35.88 -1.25
N VAL B 213 2.06 35.34 -0.03
CA VAL B 213 0.75 34.85 0.41
C VAL B 213 -0.21 36.01 0.65
N ARG B 214 0.26 37.07 1.31
CA ARG B 214 -0.64 38.11 1.76
C ARG B 214 -1.20 38.95 0.61
N GLU B 215 -0.38 39.23 -0.40
CA GLU B 215 -0.84 40.01 -1.56
C GLU B 215 -1.39 39.13 -2.68
N GLY B 216 -0.56 38.22 -3.21
CA GLY B 216 -1.01 37.36 -4.27
C GLY B 216 -0.23 37.55 -5.56
N MET B 217 0.87 38.28 -5.49
CA MET B 217 1.69 38.59 -6.65
C MET B 217 2.86 37.62 -6.75
N CYS B 218 3.53 37.66 -7.90
CA CYS B 218 4.71 36.86 -8.14
C CYS B 218 5.94 37.76 -8.08
N ARG B 219 6.84 37.47 -7.15
CA ARG B 219 7.97 38.36 -6.92
C ARG B 219 9.15 38.04 -7.83
N GLN B 220 9.49 36.76 -7.99
CA GLN B 220 10.64 36.37 -8.79
C GLN B 220 10.29 35.14 -9.61
N THR B 221 11.09 34.90 -10.65
CA THR B 221 10.90 33.76 -11.54
C THR B 221 12.25 33.16 -11.89
N PHE B 222 12.38 31.85 -11.73
CA PHE B 222 13.65 31.15 -11.91
C PHE B 222 13.50 30.12 -13.01
N THR B 223 14.32 30.24 -14.05
CA THR B 223 14.31 29.31 -15.18
C THR B 223 15.71 28.75 -15.36
N GLY B 224 15.91 27.49 -14.94
CA GLY B 224 17.18 26.84 -15.14
C GLY B 224 17.10 25.47 -15.77
N HIS B 225 15.93 24.83 -15.73
CA HIS B 225 15.79 23.48 -16.21
C HIS B 225 15.45 23.48 -17.70
N GLU B 226 15.39 22.28 -18.29
CA GLU B 226 14.90 22.10 -19.64
C GLU B 226 13.60 21.32 -19.72
N SER B 227 13.22 20.61 -18.67
CA SER B 227 12.00 19.80 -18.66
C SER B 227 11.17 20.13 -17.42
N ASP B 228 10.14 19.32 -17.20
CA ASP B 228 9.18 19.50 -16.12
C ASP B 228 9.87 19.57 -14.77
N ILE B 229 9.23 20.18 -13.78
CA ILE B 229 9.72 20.19 -12.41
C ILE B 229 8.74 19.39 -11.57
N ASN B 230 9.17 18.22 -11.10
CA ASN B 230 8.30 17.34 -10.36
C ASN B 230 8.33 17.56 -8.86
N ALA B 231 9.36 18.23 -8.34
CA ALA B 231 9.51 18.37 -6.90
C ALA B 231 10.24 19.66 -6.58
N ILE B 232 9.99 20.19 -5.38
CA ILE B 232 10.63 21.42 -4.93
C ILE B 232 10.67 21.41 -3.42
N CYS B 233 11.70 22.04 -2.88
CA CYS B 233 11.93 22.11 -1.47
C CYS B 233 12.54 23.44 -1.14
N PHE B 234 12.45 23.83 0.12
CA PHE B 234 12.97 25.10 0.56
C PHE B 234 14.12 24.85 1.51
N PHE B 235 15.17 25.65 1.40
CA PHE B 235 16.31 25.53 2.30
C PHE B 235 15.80 25.91 3.70
N PRO B 236 16.36 25.29 4.75
CA PRO B 236 15.85 25.47 6.11
C PRO B 236 15.79 26.91 6.56
N ASN B 237 16.72 27.75 6.18
CA ASN B 237 16.62 29.15 6.58
C ASN B 237 15.72 29.95 5.66
N GLY B 238 15.21 29.34 4.59
CA GLY B 238 14.23 30.00 3.74
C GLY B 238 14.81 30.98 2.75
N ASN B 239 16.12 30.98 2.52
CA ASN B 239 16.75 31.88 1.57
C ASN B 239 17.32 31.13 0.38
N ALA B 240 16.78 29.96 0.08
CA ALA B 240 17.19 29.16 -1.06
C ALA B 240 16.18 28.03 -1.21
N PHE B 241 16.18 27.41 -2.38
CA PHE B 241 15.32 26.25 -2.58
C PHE B 241 15.89 25.41 -3.71
N ALA B 242 15.56 24.12 -3.68
CA ALA B 242 16.10 23.15 -4.63
C ALA B 242 14.97 22.51 -5.41
N THR B 243 15.13 22.41 -6.72
CA THR B 243 14.13 21.84 -7.61
C THR B 243 14.65 20.56 -8.23
N GLY B 244 13.77 19.58 -8.39
CA GLY B 244 14.10 18.37 -9.11
C GLY B 244 13.24 18.29 -10.36
N SER B 245 13.78 17.65 -11.40
CA SER B 245 13.13 17.71 -12.71
C SER B 245 13.26 16.37 -13.43
N ASP B 246 12.52 16.25 -14.53
CA ASP B 246 12.53 15.05 -15.36
C ASP B 246 13.76 14.92 -16.24
N ASP B 247 14.75 15.81 -16.13
CA ASP B 247 15.97 15.67 -16.90
C ASP B 247 17.16 15.28 -16.01
N ALA B 248 16.89 14.55 -14.94
CA ALA B 248 17.89 13.95 -14.06
C ALA B 248 18.76 14.97 -13.34
N THR B 249 18.29 16.21 -13.18
CA THR B 249 19.12 17.29 -12.67
C THR B 249 18.39 18.03 -11.56
N CYS B 250 18.97 18.05 -10.37
CA CYS B 250 18.54 18.94 -9.32
C CYS B 250 19.36 20.23 -9.39
N ARG B 251 18.78 21.30 -8.86
CA ARG B 251 19.44 22.59 -8.89
C ARG B 251 19.12 23.35 -7.62
N LEU B 252 19.98 24.27 -7.25
CA LEU B 252 19.85 25.07 -6.04
C LEU B 252 19.76 26.54 -6.42
N PHE B 253 18.59 27.13 -6.25
CA PHE B 253 18.38 28.55 -6.47
C PHE B 253 18.43 29.29 -5.16
N ASP B 254 18.62 30.60 -5.22
CA ASP B 254 18.61 31.43 -4.02
C ASP B 254 17.83 32.70 -4.29
N LEU B 255 16.92 33.03 -3.36
CA LEU B 255 15.98 34.12 -3.59
C LEU B 255 16.65 35.48 -3.65
N ARG B 256 17.83 35.63 -3.04
CA ARG B 256 18.48 36.94 -2.95
C ARG B 256 19.31 37.26 -4.18
N ALA B 257 20.19 36.34 -4.59
CA ALA B 257 20.93 36.53 -5.82
C ALA B 257 20.07 36.36 -7.07
N ASP B 258 18.85 35.84 -6.92
CA ASP B 258 17.88 35.72 -8.00
C ASP B 258 18.44 34.88 -9.16
N GLN B 259 19.18 33.84 -8.84
CA GLN B 259 19.76 33.01 -9.89
C GLN B 259 20.05 31.63 -9.31
N GLU B 260 20.78 30.82 -10.08
CA GLU B 260 21.04 29.44 -9.73
C GLU B 260 22.42 29.31 -9.11
N LEU B 261 22.50 28.55 -8.01
CA LEU B 261 23.77 28.42 -7.29
C LEU B 261 24.62 27.29 -7.83
N MET B 262 24.06 26.08 -7.94
CA MET B 262 24.83 24.95 -8.44
C MET B 262 23.88 23.89 -8.98
N THR B 263 24.47 22.79 -9.43
CA THR B 263 23.74 21.76 -10.18
C THR B 263 24.21 20.39 -9.72
N TYR B 264 23.27 19.52 -9.36
CA TYR B 264 23.58 18.18 -8.87
C TYR B 264 23.14 17.16 -9.90
N SER B 265 24.06 16.74 -10.76
CA SER B 265 23.77 15.76 -11.79
C SER B 265 24.88 14.72 -11.83
N HIS B 266 24.74 13.75 -12.73
CA HIS B 266 25.72 12.69 -12.89
C HIS B 266 25.49 12.04 -14.25
N ASP B 267 26.52 11.36 -14.76
CA ASP B 267 26.39 10.75 -16.08
C ASP B 267 25.60 9.44 -16.03
N ASN B 268 25.72 8.69 -14.94
CA ASN B 268 25.04 7.42 -14.81
C ASN B 268 23.58 7.56 -14.43
N ILE B 269 23.05 8.78 -14.35
CA ILE B 269 21.67 9.04 -13.96
C ILE B 269 20.94 9.59 -15.17
N ILE B 270 19.94 8.85 -15.64
CA ILE B 270 19.16 9.26 -16.79
C ILE B 270 17.69 9.48 -16.48
N CYS B 271 17.18 8.92 -15.39
CA CYS B 271 15.78 9.07 -15.02
C CYS B 271 15.56 10.38 -14.28
N GLY B 272 14.31 10.77 -14.14
CA GLY B 272 13.98 12.03 -13.51
C GLY B 272 13.80 11.93 -12.02
N ILE B 273 13.94 13.06 -11.36
CA ILE B 273 13.73 13.14 -9.92
C ILE B 273 12.24 13.19 -9.63
N THR B 274 11.81 12.44 -8.63
CA THR B 274 10.42 12.44 -8.20
C THR B 274 10.19 13.26 -6.94
N SER B 275 11.14 13.29 -6.02
CA SER B 275 11.02 14.05 -4.79
C SER B 275 12.37 14.56 -4.38
N VAL B 276 12.39 15.69 -3.67
CA VAL B 276 13.61 16.23 -3.08
C VAL B 276 13.29 16.70 -1.66
N SER B 277 14.33 16.74 -0.83
CA SER B 277 14.21 17.16 0.55
C SER B 277 15.60 17.43 1.11
N PHE B 278 15.69 18.40 2.00
CA PHE B 278 16.94 18.75 2.64
C PHE B 278 17.06 18.01 3.97
N SER B 279 18.11 18.33 4.71
CA SER B 279 18.29 17.77 6.03
C SER B 279 18.03 18.85 7.09
N LYS B 280 18.16 18.48 8.35
CA LYS B 280 17.86 19.41 9.44
C LYS B 280 18.73 20.66 9.36
N SER B 281 20.00 20.52 8.95
CA SER B 281 20.90 21.65 8.88
C SER B 281 21.07 22.21 7.47
N GLY B 282 20.70 21.45 6.45
CA GLY B 282 20.85 21.89 5.08
C GLY B 282 22.12 21.45 4.38
N ARG B 283 22.87 20.52 4.96
CA ARG B 283 24.11 20.05 4.36
C ARG B 283 23.90 18.84 3.46
N LEU B 284 22.76 18.16 3.55
CA LEU B 284 22.46 17.06 2.66
C LEU B 284 21.19 17.39 1.88
N LEU B 285 21.06 16.77 0.71
CA LEU B 285 19.92 16.97 -0.16
C LEU B 285 19.52 15.61 -0.72
N LEU B 286 18.45 15.04 -0.19
CA LEU B 286 17.97 13.75 -0.64
C LEU B 286 17.08 13.92 -1.86
N ALA B 287 17.04 12.90 -2.71
CA ALA B 287 16.33 13.01 -3.98
C ALA B 287 15.94 11.63 -4.47
N GLY B 288 14.63 11.38 -4.59
CA GLY B 288 14.15 10.10 -5.08
C GLY B 288 14.09 10.10 -6.59
N TYR B 289 14.49 8.98 -7.18
CA TYR B 289 14.62 8.86 -8.62
C TYR B 289 13.68 7.79 -9.16
N ASP B 290 13.51 7.78 -10.48
CA ASP B 290 12.74 6.75 -11.14
C ASP B 290 13.51 5.46 -11.33
N ASP B 291 14.82 5.45 -11.11
CA ASP B 291 15.61 4.22 -11.17
C ASP B 291 15.59 3.47 -9.85
N PHE B 292 14.57 3.71 -9.03
CA PHE B 292 14.19 2.97 -7.84
C PHE B 292 15.05 3.34 -6.64
N ASN B 293 16.05 4.20 -6.80
CA ASN B 293 17.00 4.53 -5.74
C ASN B 293 16.67 5.89 -5.15
N CYS B 294 17.54 6.34 -4.25
CA CYS B 294 17.40 7.65 -3.61
C CYS B 294 18.80 8.13 -3.24
N ASN B 295 19.37 9.00 -4.05
CA ASN B 295 20.75 9.43 -3.87
C ASN B 295 20.83 10.62 -2.93
N VAL B 296 21.61 10.46 -1.86
CA VAL B 296 21.92 11.57 -0.96
C VAL B 296 23.02 12.40 -1.59
N TRP B 297 22.88 13.71 -1.55
CA TRP B 297 23.82 14.61 -2.20
C TRP B 297 24.48 15.49 -1.15
N ASP B 298 25.67 15.98 -1.48
CA ASP B 298 26.37 16.96 -0.65
C ASP B 298 25.94 18.34 -1.13
N ALA B 299 25.05 18.98 -0.37
CA ALA B 299 24.39 20.20 -0.82
C ALA B 299 25.34 21.38 -0.99
N LEU B 300 26.63 21.19 -0.72
CA LEU B 300 27.61 22.26 -0.90
C LEU B 300 28.78 21.87 -1.79
N LYS B 301 28.94 20.59 -2.12
CA LYS B 301 30.01 20.15 -3.00
C LYS B 301 29.50 19.53 -4.29
N ALA B 302 28.20 19.24 -4.40
CA ALA B 302 27.60 18.60 -5.56
C ALA B 302 28.16 17.21 -5.82
N ASP B 303 28.66 16.55 -4.78
CA ASP B 303 29.24 15.22 -4.88
C ASP B 303 28.37 14.22 -4.14
N ARG B 304 27.97 13.16 -4.83
CA ARG B 304 27.06 12.19 -4.23
C ARG B 304 27.71 11.52 -3.04
N ALA B 305 27.02 11.54 -1.90
CA ALA B 305 27.53 10.95 -0.67
C ALA B 305 27.09 9.51 -0.50
N GLY B 306 25.79 9.27 -0.48
CA GLY B 306 25.29 7.93 -0.26
C GLY B 306 24.13 7.56 -1.14
N VAL B 307 23.57 6.38 -0.94
CA VAL B 307 22.44 5.89 -1.73
C VAL B 307 21.55 5.08 -0.81
N LEU B 308 20.25 5.33 -0.86
CA LEU B 308 19.25 4.54 -0.15
C LEU B 308 18.57 3.65 -1.18
N ALA B 309 19.15 2.49 -1.43
CA ALA B 309 18.62 1.55 -2.41
C ALA B 309 17.96 0.41 -1.66
N GLY B 310 16.64 0.50 -1.49
CA GLY B 310 15.91 -0.55 -0.81
C GLY B 310 14.55 -0.83 -1.39
N HIS B 311 14.19 -0.08 -2.44
CA HIS B 311 12.88 -0.18 -3.06
C HIS B 311 12.88 -0.93 -4.36
N ASP B 312 11.78 -1.62 -4.66
CA ASP B 312 11.67 -2.41 -5.88
C ASP B 312 10.91 -1.67 -7.00
N ASN B 313 10.51 -0.44 -6.72
CA ASN B 313 9.78 0.33 -7.72
C ASN B 313 9.99 1.83 -7.51
N ARG B 314 9.55 2.65 -8.45
CA ARG B 314 9.85 4.07 -8.41
C ARG B 314 9.58 4.66 -7.03
N VAL B 315 10.49 5.54 -6.59
CA VAL B 315 10.32 6.23 -5.31
C VAL B 315 9.44 7.45 -5.54
N SER B 316 8.25 7.44 -4.97
CA SER B 316 7.27 8.50 -5.21
C SER B 316 7.51 9.69 -4.31
N CYS B 317 7.69 9.45 -3.03
CA CYS B 317 7.65 10.48 -2.02
C CYS B 317 8.81 10.31 -1.07
N LEU B 318 9.13 11.38 -0.37
CA LEU B 318 10.34 11.43 0.42
C LEU B 318 10.26 12.58 1.41
N GLY B 319 10.44 12.30 2.70
CA GLY B 319 10.38 13.37 3.67
C GLY B 319 11.26 13.17 4.87
N VAL B 320 12.10 14.15 5.15
CA VAL B 320 12.94 14.13 6.33
C VAL B 320 12.14 14.65 7.51
N THR B 321 12.36 14.05 8.67
CA THR B 321 11.58 14.38 9.85
C THR B 321 11.86 15.82 10.28
N ASP B 322 10.89 16.42 10.96
CA ASP B 322 10.99 17.83 11.30
C ASP B 322 12.12 18.08 12.29
N ASP B 323 12.34 17.17 13.23
CA ASP B 323 13.46 17.25 14.15
C ASP B 323 14.75 16.70 13.55
N GLY B 324 14.70 16.20 12.32
CA GLY B 324 15.89 15.80 11.61
C GLY B 324 16.33 14.37 11.80
N MET B 325 15.54 13.56 12.51
CA MET B 325 16.02 12.24 12.91
C MET B 325 16.03 11.26 11.74
N ALA B 326 14.86 10.97 11.19
CA ALA B 326 14.71 9.91 10.21
C ALA B 326 14.37 10.46 8.84
N VAL B 327 14.27 9.56 7.87
CA VAL B 327 13.89 9.85 6.49
C VAL B 327 12.96 8.75 6.06
N ALA B 328 11.75 9.10 5.64
CA ALA B 328 10.78 8.12 5.16
C ALA B 328 10.64 8.24 3.65
N THR B 329 10.61 7.12 2.96
CA THR B 329 10.48 7.08 1.52
C THR B 329 9.42 6.07 1.14
N GLY B 330 8.32 6.53 0.58
CA GLY B 330 7.35 5.63 0.00
C GLY B 330 7.66 5.35 -1.44
N SER B 331 6.97 4.38 -2.01
CA SER B 331 7.28 4.00 -3.38
C SER B 331 6.08 3.29 -4.00
N TRP B 332 6.19 3.02 -5.29
CA TRP B 332 5.14 2.37 -6.05
C TRP B 332 5.00 0.89 -5.73
N ASP B 333 5.86 0.33 -4.88
CA ASP B 333 5.76 -1.07 -4.49
C ASP B 333 5.02 -1.24 -3.17
N SER B 334 4.33 -0.21 -2.68
CA SER B 334 3.40 -0.25 -1.56
C SER B 334 4.08 -0.29 -0.19
N PHE B 335 5.35 0.07 -0.09
CA PHE B 335 6.04 0.01 1.19
C PHE B 335 6.70 1.35 1.48
N LEU B 336 6.50 1.85 2.70
CA LEU B 336 7.30 2.94 3.22
C LEU B 336 8.43 2.37 4.04
N LYS B 337 9.50 3.14 4.16
CA LYS B 337 10.68 2.68 4.87
C LYS B 337 11.28 3.85 5.61
N ILE B 338 11.63 3.63 6.87
CA ILE B 338 12.21 4.66 7.71
C ILE B 338 13.72 4.41 7.75
N TRP B 339 14.48 5.36 7.23
CA TRP B 339 15.94 5.28 7.21
C TRP B 339 16.51 6.14 8.32
N ASN B 340 17.79 5.92 8.61
CA ASN B 340 18.47 6.68 9.66
C ASN B 340 19.84 6.07 9.96
N ALA C 7 -8.41 42.73 -27.84
CA ALA C 7 -7.77 41.54 -28.39
C ALA C 7 -6.79 40.95 -27.38
N SER C 8 -5.66 40.45 -27.88
CA SER C 8 -4.62 39.88 -27.04
C SER C 8 -3.65 40.92 -26.51
N ILE C 9 -4.05 42.20 -26.50
CA ILE C 9 -3.16 43.24 -26.00
C ILE C 9 -3.02 43.14 -24.49
N ALA C 10 -4.05 42.67 -23.79
CA ALA C 10 -4.00 42.62 -22.32
C ALA C 10 -3.02 41.55 -21.85
N GLN C 11 -2.90 40.45 -22.58
CA GLN C 11 -1.95 39.41 -22.23
C GLN C 11 -0.53 39.96 -22.17
N ALA C 12 -0.05 40.48 -23.29
CA ALA C 12 1.31 41.03 -23.33
C ALA C 12 1.46 42.26 -22.45
N ARG C 13 0.38 43.03 -22.28
CA ARG C 13 0.46 44.20 -21.40
C ARG C 13 0.73 43.79 -19.96
N LYS C 14 -0.05 42.84 -19.44
CA LYS C 14 0.18 42.38 -18.07
C LYS C 14 1.47 41.61 -17.95
N LEU C 15 1.88 40.90 -19.00
CA LEU C 15 3.18 40.24 -18.96
C LEU C 15 4.32 41.25 -18.83
N VAL C 16 4.24 42.33 -19.61
CA VAL C 16 5.26 43.38 -19.53
C VAL C 16 5.22 44.04 -18.16
N GLU C 17 4.04 44.25 -17.59
CA GLU C 17 3.96 44.88 -16.28
C GLU C 17 4.56 44.00 -15.20
N GLN C 18 4.26 42.71 -15.22
CA GLN C 18 4.83 41.80 -14.22
C GLN C 18 6.34 41.68 -14.42
N LEU C 19 6.80 41.68 -15.67
CA LEU C 19 8.23 41.66 -15.94
C LEU C 19 8.90 42.92 -15.40
N LYS C 20 8.25 44.06 -15.55
CA LYS C 20 8.78 45.31 -15.03
C LYS C 20 8.88 45.27 -13.51
N MET C 21 7.86 44.75 -12.84
CA MET C 21 7.91 44.72 -11.38
C MET C 21 8.88 43.66 -10.88
N GLU C 22 9.13 42.61 -11.66
CA GLU C 22 10.08 41.58 -11.26
C GLU C 22 11.52 41.97 -11.58
N ALA C 23 11.71 42.92 -12.49
CA ALA C 23 13.07 43.34 -12.84
C ALA C 23 13.72 44.15 -11.72
N ASN C 24 13.10 45.26 -11.33
CA ASN C 24 13.69 46.20 -10.39
C ASN C 24 13.55 45.67 -8.96
N ILE C 25 14.48 44.80 -8.59
CA ILE C 25 14.60 44.31 -7.22
C ILE C 25 16.07 44.38 -6.82
N ASP C 26 16.30 44.46 -5.51
CA ASP C 26 17.65 44.62 -4.96
C ASP C 26 18.32 43.26 -4.87
N ARG C 27 19.32 43.03 -5.71
CA ARG C 27 20.05 41.79 -5.69
C ARG C 27 21.33 41.94 -4.86
N ILE C 28 21.88 40.79 -4.46
CA ILE C 28 23.17 40.73 -3.79
C ILE C 28 24.08 39.83 -4.61
N LYS C 29 25.37 39.88 -4.31
CA LYS C 29 26.33 39.13 -5.09
C LYS C 29 26.32 37.66 -4.68
N VAL C 30 26.56 36.79 -5.67
CA VAL C 30 26.44 35.35 -5.46
C VAL C 30 27.47 34.86 -4.43
N SER C 31 28.58 35.57 -4.28
CA SER C 31 29.54 35.19 -3.25
C SER C 31 28.98 35.42 -1.86
N LYS C 32 28.21 36.49 -1.72
CA LYS C 32 27.56 36.82 -0.46
C LYS C 32 26.54 35.76 -0.07
N ALA C 33 25.76 35.26 -1.04
CA ALA C 33 24.78 34.22 -0.80
C ALA C 33 25.44 32.88 -0.52
N ALA C 34 26.49 32.55 -1.26
CA ALA C 34 27.22 31.32 -1.00
C ALA C 34 27.82 31.32 0.40
N ALA C 35 28.38 32.46 0.82
CA ALA C 35 28.93 32.56 2.16
C ALA C 35 27.85 32.38 3.21
N ASP C 36 26.66 32.95 2.99
CA ASP C 36 25.58 32.80 3.95
C ASP C 36 25.13 31.35 4.06
N LEU C 37 25.00 30.67 2.92
CA LEU C 37 24.60 29.27 2.94
C LEU C 37 25.63 28.42 3.67
N MET C 38 26.92 28.67 3.39
CA MET C 38 27.96 27.88 4.05
C MET C 38 28.00 28.16 5.55
N ALA C 39 27.79 29.41 5.94
CA ALA C 39 27.75 29.74 7.37
C ALA C 39 26.60 29.03 8.06
N TYR C 40 25.41 29.06 7.45
CA TYR C 40 24.28 28.37 8.07
C TYR C 40 24.53 26.87 8.17
N CYS C 41 25.06 26.26 7.11
CA CYS C 41 25.29 24.82 7.15
C CYS C 41 26.37 24.44 8.16
N GLU C 42 27.33 25.32 8.41
CA GLU C 42 28.41 24.99 9.33
C GLU C 42 28.09 25.31 10.78
N ALA C 43 27.25 26.31 11.04
CA ALA C 43 26.86 26.65 12.40
C ALA C 43 25.64 25.87 12.88
N HIS C 44 25.19 24.87 12.13
CA HIS C 44 24.05 24.05 12.53
C HIS C 44 24.33 22.56 12.39
N ALA C 45 25.61 22.18 12.21
CA ALA C 45 25.97 20.78 12.09
C ALA C 45 25.97 20.06 13.43
N LYS C 46 25.52 20.71 14.50
CA LYS C 46 25.55 20.09 15.83
C LYS C 46 24.34 19.23 16.09
N GLU C 47 23.20 19.54 15.47
CA GLU C 47 21.97 18.78 15.67
C GLU C 47 21.39 18.33 14.32
N ASP C 48 22.27 17.78 13.48
CA ASP C 48 21.85 17.11 12.25
C ASP C 48 22.07 15.60 12.43
N PRO C 49 21.09 14.86 12.95
CA PRO C 49 21.30 13.44 13.25
C PRO C 49 21.52 12.56 12.04
N LEU C 50 21.52 13.11 10.82
CA LEU C 50 21.86 12.36 9.62
C LEU C 50 23.24 12.70 9.09
N LEU C 51 23.63 13.97 9.18
CA LEU C 51 24.98 14.37 8.82
C LEU C 51 25.99 13.80 9.83
N THR C 52 25.75 14.03 11.11
CA THR C 52 26.58 13.49 12.20
C THR C 52 25.74 12.53 13.01
N PRO C 53 25.76 11.23 12.68
CA PRO C 53 24.87 10.27 13.35
C PRO C 53 24.97 10.33 14.87
N VAL C 54 23.84 10.08 15.51
CA VAL C 54 23.72 10.11 16.97
C VAL C 54 23.98 8.70 17.49
N PRO C 55 24.34 8.55 18.77
CA PRO C 55 24.59 7.20 19.31
C PRO C 55 23.36 6.31 19.18
N ALA C 56 23.58 5.02 19.29
CA ALA C 56 22.47 4.07 19.13
C ALA C 56 21.57 4.03 20.33
N SER C 57 21.71 4.98 21.26
CA SER C 57 20.85 5.04 22.43
C SER C 57 19.85 6.20 22.38
N GLU C 58 20.07 7.19 21.52
CA GLU C 58 19.19 8.35 21.43
C GLU C 58 18.32 8.36 20.19
N ASN C 59 18.58 7.52 19.21
CA ASN C 59 17.66 7.48 18.08
C ASN C 59 16.50 6.56 18.42
N PRO C 60 15.25 7.02 18.27
CA PRO C 60 14.10 6.19 18.64
C PRO C 60 13.80 5.07 17.67
N PHE C 61 14.52 4.98 16.56
CA PHE C 61 14.25 3.99 15.53
C PHE C 61 15.24 2.83 15.56
N ARG C 62 16.01 2.69 16.63
CA ARG C 62 17.06 1.67 16.69
C ARG C 62 16.49 0.26 16.52
N SER D 275 30.51 -55.93 -11.91
CA SER D 275 29.54 -56.73 -12.63
C SER D 275 28.35 -55.90 -13.06
N THR D 276 27.22 -56.57 -13.29
CA THR D 276 26.00 -55.90 -13.70
C THR D 276 25.54 -54.93 -12.62
N VAL D 277 25.65 -55.33 -11.35
CA VAL D 277 25.25 -54.46 -10.25
C VAL D 277 26.12 -53.20 -10.24
N HIS D 278 27.42 -53.37 -10.49
CA HIS D 278 28.33 -52.23 -10.54
C HIS D 278 27.93 -51.29 -11.66
N ILE D 279 27.59 -51.86 -12.81
CA ILE D 279 27.16 -51.05 -13.94
C ILE D 279 25.88 -50.29 -13.62
N LEU D 280 24.96 -50.94 -12.92
CA LEU D 280 23.69 -50.34 -12.55
C LEU D 280 23.76 -49.35 -11.39
N THR D 281 24.58 -49.64 -10.40
CA THR D 281 24.72 -48.73 -9.26
C THR D 281 25.40 -47.44 -9.66
N ARG D 282 26.51 -47.55 -10.40
CA ARG D 282 27.25 -46.35 -10.81
C ARG D 282 26.39 -45.46 -11.70
N ILE D 283 25.70 -46.04 -12.67
CA ILE D 283 24.90 -45.23 -13.59
C ILE D 283 23.75 -44.55 -12.85
N SER D 284 23.04 -45.31 -12.00
CA SER D 284 21.90 -44.74 -11.30
C SER D 284 22.34 -43.65 -10.32
N GLN D 285 23.44 -43.88 -9.60
CA GLN D 285 23.93 -42.86 -8.69
C GLN D 285 24.39 -41.62 -9.44
N ALA D 286 25.01 -41.81 -10.61
CA ALA D 286 25.42 -40.66 -11.42
C ALA D 286 24.21 -39.82 -11.82
N GLY D 287 23.18 -40.48 -12.36
CA GLY D 287 21.99 -39.74 -12.77
C GLY D 287 21.34 -39.02 -11.61
N CYS D 288 21.15 -39.72 -10.49
CA CYS D 288 20.46 -39.12 -9.35
C CYS D 288 21.27 -37.96 -8.77
N GLY D 289 22.59 -38.09 -8.74
CA GLY D 289 23.40 -37.00 -8.21
C GLY D 289 23.39 -35.78 -9.12
N VAL D 290 23.50 -36.01 -10.43
CA VAL D 290 23.54 -34.86 -11.34
C VAL D 290 22.17 -34.20 -11.43
N SER D 291 21.09 -34.88 -11.05
CA SER D 291 19.82 -34.18 -10.92
C SER D 291 19.64 -33.52 -9.56
N MET D 292 20.16 -34.14 -8.50
CA MET D 292 20.08 -33.55 -7.17
C MET D 292 20.81 -32.22 -7.10
N ILE D 293 21.93 -32.11 -7.83
CA ILE D 293 22.68 -30.86 -7.84
C ILE D 293 21.78 -29.72 -8.30
N PHE D 294 21.12 -29.88 -9.44
CA PHE D 294 20.33 -28.79 -9.99
C PHE D 294 19.08 -28.54 -9.17
N LEU D 295 18.45 -29.59 -8.64
CA LEU D 295 17.27 -29.35 -7.81
C LEU D 295 17.65 -28.63 -6.52
N ALA D 296 18.82 -28.94 -5.94
CA ALA D 296 19.28 -28.20 -4.77
C ALA D 296 19.60 -26.76 -5.12
N PHE D 297 20.15 -26.53 -6.31
CA PHE D 297 20.37 -25.16 -6.75
C PHE D 297 19.05 -24.40 -6.86
N THR D 298 18.01 -25.07 -7.35
CA THR D 298 16.70 -24.43 -7.45
C THR D 298 16.15 -24.07 -6.07
N ILE D 299 16.28 -24.99 -5.10
CA ILE D 299 15.82 -24.69 -3.75
C ILE D 299 16.59 -23.50 -3.17
N ILE D 300 17.91 -23.50 -3.35
CA ILE D 300 18.73 -22.41 -2.82
C ILE D 300 18.32 -21.08 -3.45
N LEU D 301 18.12 -21.08 -4.77
CA LEU D 301 17.71 -19.86 -5.45
C LEU D 301 16.36 -19.38 -4.95
N TYR D 302 15.46 -20.31 -4.64
CA TYR D 302 14.17 -19.89 -4.10
C TYR D 302 14.32 -19.27 -2.72
N ALA D 303 15.15 -19.86 -1.87
CA ALA D 303 15.35 -19.27 -0.54
C ALA D 303 15.94 -17.87 -0.65
N PHE D 304 16.92 -17.71 -1.52
CA PHE D 304 17.52 -16.38 -1.75
C PHE D 304 16.48 -15.39 -2.26
N LEU D 305 15.69 -15.79 -3.26
CA LEU D 305 14.68 -14.89 -3.81
C LEU D 305 13.65 -14.50 -2.77
N ARG D 306 13.30 -15.43 -1.88
CA ARG D 306 12.30 -15.11 -0.87
C ARG D 306 12.86 -14.15 0.18
N LEU D 307 14.11 -14.34 0.57
CA LEU D 307 14.70 -13.43 1.56
C LEU D 307 14.98 -12.06 0.98
N SER D 308 15.32 -11.99 -0.31
CA SER D 308 15.72 -10.72 -0.92
C SER D 308 14.53 -9.83 -1.21
N ARG D 309 13.60 -10.28 -2.05
CA ARG D 309 12.53 -9.44 -2.54
C ARG D 309 11.26 -9.62 -1.73
N GLU D 310 10.45 -8.55 -1.68
CA GLU D 310 9.24 -8.50 -0.86
C GLU D 310 7.98 -8.83 -1.65
N ARG D 311 8.11 -9.31 -2.89
CA ARG D 311 6.95 -9.82 -3.61
C ARG D 311 6.79 -11.31 -3.39
N PHE D 312 7.89 -12.05 -3.36
CA PHE D 312 7.88 -13.51 -3.24
C PHE D 312 7.20 -14.01 -1.98
N LYS D 313 6.93 -13.16 -1.01
CA LYS D 313 6.24 -13.62 0.19
C LYS D 313 4.83 -14.11 -0.11
N SER D 314 4.22 -13.65 -1.21
CA SER D 314 2.81 -13.91 -1.48
C SER D 314 2.53 -14.37 -2.90
N GLU D 315 3.43 -15.15 -3.50
CA GLU D 315 3.15 -15.83 -4.76
C GLU D 315 3.10 -17.33 -4.52
N ASP D 316 2.10 -17.98 -5.10
CA ASP D 316 1.92 -19.41 -4.87
C ASP D 316 2.46 -20.29 -6.00
N ALA D 317 2.64 -19.74 -7.18
CA ALA D 317 3.20 -20.54 -8.27
C ALA D 317 4.65 -20.91 -8.01
N PRO D 318 5.52 -19.99 -7.57
CA PRO D 318 6.88 -20.41 -7.23
C PRO D 318 6.92 -21.37 -6.06
N LYS D 319 6.00 -21.25 -5.10
CA LYS D 319 5.94 -22.22 -4.02
C LYS D 319 5.58 -23.61 -4.52
N ILE D 320 4.64 -23.70 -5.47
CA ILE D 320 4.32 -25.02 -6.02
C ILE D 320 5.50 -25.59 -6.80
N HIS D 321 6.16 -24.76 -7.62
CA HIS D 321 7.27 -25.26 -8.41
C HIS D 321 8.43 -25.69 -7.54
N VAL D 322 8.70 -24.96 -6.45
CA VAL D 322 9.81 -25.33 -5.59
C VAL D 322 9.43 -26.51 -4.70
N ALA D 323 8.15 -26.70 -4.37
CA ALA D 323 7.75 -27.90 -3.65
C ALA D 323 7.89 -29.14 -4.53
N LEU D 324 7.51 -29.03 -5.80
CA LEU D 324 7.73 -30.14 -6.72
C LEU D 324 9.22 -30.41 -6.91
N GLY D 325 10.03 -29.36 -6.99
CA GLY D 325 11.47 -29.54 -7.10
C GLY D 325 12.06 -30.23 -5.89
N GLY D 326 11.67 -29.80 -4.69
CA GLY D 326 12.13 -30.46 -3.48
C GLY D 326 11.68 -31.90 -3.36
N SER D 327 10.46 -32.19 -3.82
CA SER D 327 9.99 -33.57 -3.79
C SER D 327 10.79 -34.45 -4.74
N LEU D 328 11.14 -33.93 -5.91
CA LEU D 328 12.01 -34.69 -6.82
C LEU D 328 13.40 -34.86 -6.24
N PHE D 329 13.91 -33.82 -5.57
CA PHE D 329 15.21 -33.91 -4.92
C PHE D 329 15.22 -35.02 -3.87
N LEU D 330 14.23 -35.02 -2.98
CA LEU D 330 14.15 -36.04 -1.94
C LEU D 330 13.93 -37.42 -2.54
N LEU D 331 13.20 -37.51 -3.65
CA LEU D 331 13.03 -38.81 -4.30
C LEU D 331 14.35 -39.34 -4.81
N ASN D 332 15.16 -38.47 -5.44
CA ASN D 332 16.48 -38.90 -5.89
C ASN D 332 17.36 -39.29 -4.71
N LEU D 333 17.25 -38.58 -3.59
CA LEU D 333 18.04 -38.91 -2.42
C LEU D 333 17.66 -40.28 -1.86
N ALA D 334 16.36 -40.55 -1.74
CA ALA D 334 15.91 -41.86 -1.26
C ALA D 334 16.32 -42.97 -2.21
N PHE D 335 16.30 -42.71 -3.52
CA PHE D 335 16.75 -43.73 -4.45
C PHE D 335 18.25 -43.98 -4.33
N LEU D 336 19.02 -42.92 -4.08
CA LEU D 336 20.45 -43.09 -3.81
C LEU D 336 20.68 -43.98 -2.61
N VAL D 337 19.97 -43.71 -1.51
CA VAL D 337 20.11 -44.50 -0.30
C VAL D 337 19.76 -45.97 -0.58
N ASN D 338 18.66 -46.20 -1.29
CA ASN D 338 18.23 -47.57 -1.58
C ASN D 338 19.24 -48.30 -2.46
N VAL D 339 19.73 -47.65 -3.51
CA VAL D 339 20.65 -48.33 -4.41
C VAL D 339 21.98 -48.60 -3.72
N GLY D 340 22.45 -47.66 -2.91
CA GLY D 340 23.70 -47.88 -2.20
C GLY D 340 23.59 -48.98 -1.15
N SER D 341 22.70 -48.77 -0.17
CA SER D 341 22.61 -49.67 0.97
C SER D 341 21.64 -50.82 0.76
N GLY D 342 21.43 -51.25 -0.49
CA GLY D 342 20.46 -52.29 -0.74
C GLY D 342 20.99 -53.66 -0.36
N SER D 343 20.09 -54.52 0.12
CA SER D 343 20.29 -55.93 0.45
C SER D 343 21.11 -56.13 1.72
N LYS D 344 21.54 -55.09 2.42
CA LYS D 344 22.25 -55.25 3.68
C LYS D 344 21.41 -54.69 4.83
N GLY D 345 21.52 -55.35 5.98
CA GLY D 345 20.70 -55.02 7.13
C GLY D 345 19.57 -56.00 7.31
N SER D 346 18.90 -55.86 8.45
CA SER D 346 17.82 -56.77 8.81
C SER D 346 16.56 -56.45 8.01
N ASP D 347 15.53 -57.27 8.23
CA ASP D 347 14.28 -57.10 7.50
C ASP D 347 13.61 -55.78 7.84
N ALA D 348 13.79 -55.28 9.07
CA ALA D 348 13.18 -54.01 9.44
C ALA D 348 13.91 -52.84 8.81
N ALA D 349 15.05 -53.10 8.17
CA ALA D 349 15.75 -52.03 7.47
C ALA D 349 15.06 -51.68 6.16
N CYS D 350 14.89 -52.65 5.27
CA CYS D 350 14.23 -52.40 4.01
C CYS D 350 12.78 -51.97 4.14
N TRP D 351 12.11 -52.29 5.24
CA TRP D 351 10.75 -51.80 5.39
C TRP D 351 10.71 -50.28 5.39
N ALA D 352 11.53 -49.64 6.21
CA ALA D 352 11.52 -48.18 6.28
C ALA D 352 12.02 -47.56 4.98
N ARG D 353 13.04 -48.15 4.36
CA ARG D 353 13.59 -47.58 3.13
C ARG D 353 12.60 -47.68 1.98
N GLY D 354 11.94 -48.83 1.85
CA GLY D 354 10.89 -48.96 0.85
C GLY D 354 9.74 -48.02 1.12
N ALA D 355 9.37 -47.84 2.40
CA ALA D 355 8.28 -46.95 2.74
C ALA D 355 8.60 -45.52 2.38
N VAL D 356 9.82 -45.07 2.65
CA VAL D 356 10.17 -43.69 2.36
C VAL D 356 10.33 -43.47 0.86
N PHE D 357 10.87 -44.47 0.15
CA PHE D 357 10.94 -44.40 -1.30
C PHE D 357 9.54 -44.25 -1.89
N HIS D 358 8.61 -45.12 -1.48
CA HIS D 358 7.24 -45.05 -1.98
C HIS D 358 6.58 -43.73 -1.63
N TYR D 359 6.81 -43.23 -0.41
CA TYR D 359 6.21 -41.98 -0.03
C TYR D 359 6.69 -40.85 -0.94
N PHE D 360 7.98 -40.80 -1.24
CA PHE D 360 8.47 -39.70 -2.05
C PHE D 360 8.06 -39.83 -3.51
N LEU D 361 7.94 -41.06 -4.01
CA LEU D 361 7.38 -41.26 -5.34
C LEU D 361 5.97 -40.70 -5.42
N LEU D 362 5.10 -41.10 -4.49
CA LEU D 362 3.73 -40.60 -4.52
C LEU D 362 3.68 -39.10 -4.30
N CYS D 363 4.65 -38.53 -3.57
CA CYS D 363 4.69 -37.08 -3.42
C CYS D 363 5.00 -36.40 -4.75
N ALA D 364 5.93 -36.95 -5.53
CA ALA D 364 6.21 -36.39 -6.84
C ALA D 364 4.97 -36.44 -7.72
N PHE D 365 4.26 -37.57 -7.71
CA PHE D 365 3.05 -37.68 -8.53
C PHE D 365 1.98 -36.69 -8.09
N THR D 366 1.77 -36.55 -6.78
CA THR D 366 0.73 -35.67 -6.29
C THR D 366 1.06 -34.22 -6.59
N TRP D 367 2.34 -33.84 -6.60
CA TRP D 367 2.66 -32.46 -6.93
C TRP D 367 2.55 -32.19 -8.42
N MET D 368 2.87 -33.18 -9.26
CA MET D 368 2.57 -33.00 -10.68
C MET D 368 1.08 -33.00 -10.97
N GLY D 369 0.25 -33.48 -10.06
CA GLY D 369 -1.19 -33.33 -10.22
C GLY D 369 -1.69 -31.98 -9.74
N LEU D 370 -1.13 -31.49 -8.63
CA LEU D 370 -1.50 -30.18 -8.13
C LEU D 370 -1.05 -29.06 -9.04
N GLU D 371 0.02 -29.28 -9.82
CA GLU D 371 0.39 -28.27 -10.81
C GLU D 371 -0.66 -28.18 -11.92
N ALA D 372 -1.20 -29.32 -12.35
CA ALA D 372 -2.30 -29.28 -13.31
C ALA D 372 -3.54 -28.66 -12.71
N PHE D 373 -3.78 -28.85 -11.43
CA PHE D 373 -4.92 -28.16 -10.80
C PHE D 373 -4.71 -26.65 -10.78
N HIS D 374 -3.49 -26.19 -10.50
CA HIS D 374 -3.23 -24.76 -10.54
C HIS D 374 -3.41 -24.23 -11.96
N LEU D 375 -2.98 -24.98 -12.97
CA LEU D 375 -3.23 -24.56 -14.34
C LEU D 375 -4.73 -24.50 -14.64
N TYR D 376 -5.50 -25.41 -14.04
CA TYR D 376 -6.95 -25.32 -14.19
C TYR D 376 -7.48 -24.01 -13.62
N LEU D 377 -7.04 -23.64 -12.41
CA LEU D 377 -7.48 -22.38 -11.83
C LEU D 377 -7.04 -21.18 -12.66
N LEU D 378 -5.91 -21.30 -13.35
CA LEU D 378 -5.38 -20.18 -14.12
C LEU D 378 -6.06 -20.01 -15.46
N ALA D 379 -6.32 -21.10 -16.18
CA ALA D 379 -6.68 -21.01 -17.59
C ALA D 379 -8.03 -21.61 -17.93
N VAL D 380 -8.82 -22.02 -16.94
CA VAL D 380 -10.19 -22.49 -17.16
C VAL D 380 -11.17 -21.72 -16.31
N ARG D 381 -10.95 -21.68 -15.01
CA ARG D 381 -11.77 -20.89 -14.09
C ARG D 381 -11.03 -19.59 -13.84
N VAL D 382 -11.12 -18.68 -14.81
CA VAL D 382 -10.22 -17.53 -14.83
C VAL D 382 -10.50 -16.59 -13.67
N PHE D 383 -11.77 -16.36 -13.34
CA PHE D 383 -12.16 -15.32 -12.39
C PHE D 383 -12.50 -15.90 -11.03
N ASN D 384 -12.26 -15.09 -10.00
CA ASN D 384 -12.57 -15.44 -8.62
C ASN D 384 -11.82 -16.72 -8.22
N THR D 385 -10.49 -16.62 -8.23
CA THR D 385 -9.62 -17.74 -7.90
C THR D 385 -8.86 -17.49 -6.60
N TYR D 386 -9.38 -16.64 -5.73
CA TYR D 386 -8.76 -16.43 -4.43
C TYR D 386 -9.37 -17.39 -3.42
N PHE D 387 -8.52 -18.21 -2.81
CA PHE D 387 -8.92 -19.08 -1.73
C PHE D 387 -8.03 -18.78 -0.53
N GLY D 388 -8.64 -18.62 0.64
CA GLY D 388 -7.86 -18.34 1.84
C GLY D 388 -7.07 -19.57 2.26
N HIS D 389 -5.84 -19.33 2.70
CA HIS D 389 -4.90 -20.40 3.02
C HIS D 389 -4.78 -21.36 1.83
N TYR D 390 -4.42 -20.79 0.68
CA TYR D 390 -4.39 -21.59 -0.54
C TYR D 390 -3.26 -22.61 -0.50
N PHE D 391 -2.02 -22.13 -0.34
CA PHE D 391 -0.92 -23.07 -0.34
C PHE D 391 -0.94 -23.98 0.87
N LEU D 392 -1.58 -23.58 1.96
CA LEU D 392 -1.70 -24.49 3.09
C LEU D 392 -2.55 -25.70 2.72
N LYS D 393 -3.68 -25.49 2.02
CA LYS D 393 -4.52 -26.61 1.62
C LYS D 393 -3.84 -27.42 0.53
N LEU D 394 -3.20 -26.75 -0.44
CA LEU D 394 -2.44 -27.48 -1.44
C LEU D 394 -1.38 -28.36 -0.79
N SER D 395 -0.71 -27.84 0.24
CA SER D 395 0.36 -28.59 0.89
C SER D 395 -0.19 -29.72 1.72
N LEU D 396 -1.31 -29.50 2.41
CA LEU D 396 -2.01 -30.57 3.09
C LEU D 396 -2.24 -31.74 2.16
N VAL D 397 -2.90 -31.48 1.02
CA VAL D 397 -3.17 -32.56 0.07
C VAL D 397 -1.87 -33.18 -0.42
N GLY D 398 -0.94 -32.35 -0.88
CA GLY D 398 0.23 -32.86 -1.57
C GLY D 398 1.16 -33.68 -0.70
N TRP D 399 1.30 -33.32 0.58
CA TRP D 399 2.17 -34.05 1.49
C TRP D 399 1.42 -35.07 2.35
N GLY D 400 0.09 -35.06 2.37
CA GLY D 400 -0.62 -35.94 3.26
C GLY D 400 -1.41 -37.04 2.57
N LEU D 401 -1.75 -36.87 1.29
CA LEU D 401 -2.45 -37.95 0.61
C LEU D 401 -1.52 -39.12 0.36
N PRO D 402 -0.27 -38.89 -0.09
CA PRO D 402 0.69 -40.00 -0.10
C PRO D 402 1.00 -40.53 1.28
N ALA D 403 0.86 -39.73 2.33
CA ALA D 403 1.03 -40.25 3.67
C ALA D 403 -0.05 -41.27 4.00
N LEU D 404 -1.30 -40.97 3.68
CA LEU D 404 -2.37 -41.96 3.90
C LEU D 404 -2.17 -43.18 3.02
N MET D 405 -1.72 -42.99 1.77
CA MET D 405 -1.49 -44.13 0.90
C MET D 405 -0.39 -45.03 1.45
N VAL D 406 0.69 -44.45 1.96
CA VAL D 406 1.77 -45.26 2.51
C VAL D 406 1.34 -45.93 3.81
N ILE D 407 0.60 -45.22 4.66
CA ILE D 407 0.08 -45.84 5.88
C ILE D 407 -0.76 -47.06 5.52
N GLY D 408 -1.66 -46.90 4.55
CA GLY D 408 -2.47 -48.00 4.09
C GLY D 408 -1.68 -49.17 3.56
N THR D 409 -0.82 -48.94 2.56
CA THR D 409 -0.10 -50.05 1.95
C THR D 409 1.02 -50.58 2.82
N GLY D 410 1.34 -49.93 3.94
CA GLY D 410 2.34 -50.46 4.83
C GLY D 410 1.73 -51.22 5.97
N SER D 411 0.50 -50.85 6.34
CA SER D 411 -0.21 -51.60 7.38
C SER D 411 -0.42 -53.04 6.98
N ALA D 412 -0.42 -53.35 5.69
CA ALA D 412 -0.52 -54.71 5.21
C ALA D 412 0.84 -55.36 5.04
N ASN D 413 1.92 -54.68 5.40
CA ASN D 413 3.29 -55.18 5.28
C ASN D 413 3.57 -55.63 3.85
N SER D 414 3.56 -54.66 2.94
CA SER D 414 3.80 -54.95 1.53
C SER D 414 5.23 -54.64 1.09
N TYR D 415 6.01 -53.93 1.90
CA TYR D 415 7.38 -53.61 1.51
C TYR D 415 8.30 -54.79 1.78
N GLY D 416 9.56 -54.64 1.40
CA GLY D 416 10.53 -55.69 1.58
C GLY D 416 11.63 -55.58 0.53
N LEU D 417 12.22 -56.72 0.21
CA LEU D 417 13.31 -56.80 -0.77
C LEU D 417 12.74 -57.19 -2.13
N TYR D 418 13.10 -56.43 -3.16
CA TYR D 418 12.60 -56.63 -4.50
C TYR D 418 13.78 -56.79 -5.45
N THR D 419 14.06 -58.03 -5.84
CA THR D 419 15.24 -58.34 -6.66
C THR D 419 14.82 -58.26 -8.14
N ILE D 420 15.38 -57.26 -8.83
CA ILE D 420 15.11 -57.12 -10.26
C ILE D 420 15.95 -58.15 -11.00
N ARG D 421 15.28 -59.19 -11.51
CA ARG D 421 15.98 -60.32 -12.10
C ARG D 421 16.08 -60.16 -13.61
N ASP D 422 17.22 -60.58 -14.16
CA ASP D 422 17.43 -60.54 -15.59
C ASP D 422 16.76 -61.73 -16.27
N ARG D 423 16.96 -61.82 -17.58
CA ARG D 423 16.47 -62.95 -18.35
C ARG D 423 17.38 -64.12 -17.99
N GLU D 424 18.59 -63.80 -17.53
CA GLU D 424 19.56 -64.81 -17.12
C GLU D 424 19.07 -65.66 -15.96
N ASN D 425 17.91 -65.33 -15.39
CA ASN D 425 17.40 -65.96 -14.17
C ASN D 425 18.36 -65.73 -13.00
N ARG D 426 19.11 -64.63 -13.06
CA ARG D 426 20.04 -64.23 -12.01
C ARG D 426 19.84 -62.76 -11.70
N THR D 427 20.07 -62.39 -10.44
CA THR D 427 19.82 -61.03 -10.01
C THR D 427 20.80 -60.05 -10.64
N SER D 428 20.34 -58.81 -10.82
CA SER D 428 21.17 -57.75 -11.36
C SER D 428 21.11 -56.51 -10.47
N LEU D 429 20.02 -56.37 -9.72
CA LEU D 429 19.87 -55.27 -8.79
C LEU D 429 18.84 -55.67 -7.74
N GLU D 430 19.09 -55.26 -6.50
CA GLU D 430 18.18 -55.55 -5.40
C GLU D 430 17.94 -54.26 -4.63
N LEU D 431 16.69 -53.83 -4.58
CA LEU D 431 16.29 -52.64 -3.86
C LEU D 431 15.47 -53.05 -2.64
N CYS D 432 15.06 -52.06 -1.86
CA CYS D 432 14.08 -52.25 -0.81
C CYS D 432 12.78 -51.63 -1.32
N TRP D 433 11.85 -52.49 -1.74
CA TRP D 433 10.70 -52.11 -2.53
C TRP D 433 9.57 -53.07 -2.16
N PHE D 434 8.54 -53.15 -2.99
CA PHE D 434 7.45 -54.07 -2.71
C PHE D 434 7.93 -55.50 -2.92
N ARG D 435 7.74 -56.35 -1.92
CA ARG D 435 8.37 -57.65 -1.87
C ARG D 435 7.68 -58.65 -2.79
N GLU D 436 8.37 -59.75 -3.06
CA GLU D 436 7.87 -60.81 -3.94
C GLU D 436 6.81 -61.61 -3.18
N GLY D 437 5.54 -61.41 -3.54
CA GLY D 437 4.47 -62.11 -2.86
C GLY D 437 3.67 -63.03 -3.73
N THR D 438 4.15 -63.24 -4.97
CA THR D 438 3.58 -64.17 -5.95
C THR D 438 2.20 -63.70 -6.43
N THR D 439 1.68 -62.64 -5.82
CA THR D 439 0.47 -61.96 -6.27
C THR D 439 0.56 -60.51 -5.79
N MET D 440 1.09 -59.65 -6.64
CA MET D 440 1.45 -58.29 -6.26
C MET D 440 0.34 -57.34 -6.68
N TYR D 441 -0.57 -57.05 -5.77
CA TYR D 441 -1.64 -56.10 -6.01
C TYR D 441 -1.33 -54.71 -5.48
N ALA D 442 -0.65 -54.63 -4.34
CA ALA D 442 -0.34 -53.33 -3.75
C ALA D 442 0.53 -52.50 -4.68
N LEU D 443 1.51 -53.14 -5.32
CA LEU D 443 2.38 -52.43 -6.25
C LEU D 443 1.57 -51.79 -7.37
N TYR D 444 0.75 -52.59 -8.06
CA TYR D 444 0.03 -52.08 -9.22
C TYR D 444 -1.09 -51.12 -8.83
N ILE D 445 -1.62 -51.22 -7.62
CA ILE D 445 -2.71 -50.34 -7.24
C ILE D 445 -2.18 -49.01 -6.71
N THR D 446 -1.03 -49.01 -6.03
CA THR D 446 -0.55 -47.79 -5.39
C THR D 446 0.71 -47.22 -6.06
N VAL D 447 1.12 -47.74 -7.21
CA VAL D 447 2.14 -47.03 -7.98
C VAL D 447 1.63 -46.77 -9.38
N HIS D 448 1.38 -47.83 -10.14
CA HIS D 448 0.90 -47.69 -11.51
C HIS D 448 -0.48 -47.05 -11.54
N GLY D 449 -1.38 -47.52 -10.68
CA GLY D 449 -2.73 -46.97 -10.66
C GLY D 449 -2.76 -45.52 -10.25
N TYR D 450 -1.98 -45.16 -9.22
CA TYR D 450 -1.91 -43.77 -8.80
C TYR D 450 -1.34 -42.90 -9.91
N PHE D 451 -0.32 -43.39 -10.61
CA PHE D 451 0.22 -42.62 -11.73
C PHE D 451 -0.81 -42.44 -12.82
N LEU D 452 -1.58 -43.48 -13.13
CA LEU D 452 -2.57 -43.36 -14.20
C LEU D 452 -3.69 -42.40 -13.83
N ILE D 453 -4.13 -42.43 -12.57
CA ILE D 453 -5.14 -41.48 -12.12
C ILE D 453 -4.64 -40.05 -12.27
N THR D 454 -3.43 -39.78 -11.76
CA THR D 454 -2.87 -38.45 -11.88
C THR D 454 -2.67 -38.05 -13.35
N PHE D 455 -2.34 -39.02 -14.19
CA PHE D 455 -2.10 -38.73 -15.61
C PHE D 455 -3.40 -38.34 -16.31
N LEU D 456 -4.47 -39.09 -16.07
CA LEU D 456 -5.73 -38.72 -16.72
C LEU D 456 -6.29 -37.44 -16.13
N PHE D 457 -5.98 -37.13 -14.87
CA PHE D 457 -6.36 -35.83 -14.33
C PHE D 457 -5.64 -34.71 -15.08
N GLY D 458 -4.33 -34.84 -15.25
CA GLY D 458 -3.59 -33.85 -16.03
C GLY D 458 -4.12 -33.71 -17.45
N MET D 459 -4.46 -34.84 -18.09
CA MET D 459 -4.96 -34.76 -19.45
C MET D 459 -6.35 -34.16 -19.53
N VAL D 460 -7.21 -34.41 -18.54
CA VAL D 460 -8.51 -33.75 -18.52
C VAL D 460 -8.33 -32.24 -18.39
N VAL D 461 -7.42 -31.81 -17.52
CA VAL D 461 -7.20 -30.38 -17.37
C VAL D 461 -6.67 -29.77 -18.66
N LEU D 462 -5.71 -30.43 -19.31
CA LEU D 462 -5.19 -29.91 -20.57
C LEU D 462 -6.25 -29.89 -21.67
N ALA D 463 -7.15 -30.87 -21.68
CA ALA D 463 -8.20 -30.88 -22.69
C ALA D 463 -9.19 -29.76 -22.45
N LEU D 464 -9.57 -29.51 -21.19
CA LEU D 464 -10.44 -28.38 -20.91
C LEU D 464 -9.75 -27.06 -21.27
N VAL D 465 -8.44 -26.97 -21.06
CA VAL D 465 -7.72 -25.76 -21.42
C VAL D 465 -7.75 -25.53 -22.92
N VAL D 466 -7.43 -26.56 -23.72
CA VAL D 466 -7.43 -26.36 -25.17
C VAL D 466 -8.85 -26.11 -25.66
N TRP D 467 -9.86 -26.71 -25.03
CA TRP D 467 -11.23 -26.46 -25.42
C TRP D 467 -11.62 -25.01 -25.19
N LYS D 468 -11.31 -24.47 -24.01
CA LYS D 468 -11.63 -23.08 -23.74
C LYS D 468 -10.88 -22.14 -24.67
N ILE D 469 -9.58 -22.38 -24.85
CA ILE D 469 -8.78 -21.48 -25.67
C ILE D 469 -9.21 -21.52 -27.12
N PHE D 470 -9.70 -22.66 -27.60
CA PHE D 470 -10.12 -22.74 -28.98
C PHE D 470 -11.58 -22.34 -29.19
N THR D 471 -12.38 -22.28 -28.13
CA THR D 471 -13.72 -21.71 -28.26
C THR D 471 -13.76 -20.22 -27.98
N LEU D 472 -12.70 -19.67 -27.36
CA LEU D 472 -12.61 -18.22 -27.19
C LEU D 472 -12.23 -17.54 -28.49
N SER D 473 -11.16 -18.03 -29.14
CA SER D 473 -10.63 -17.39 -30.33
C SER D 473 -11.61 -17.44 -31.49
N ARG D 474 -12.69 -18.19 -31.34
CA ARG D 474 -13.79 -18.14 -32.29
C ARG D 474 -14.85 -17.14 -31.87
N ALA D 475 -14.61 -16.38 -30.80
CA ALA D 475 -15.53 -15.36 -30.31
C ALA D 475 -14.93 -13.96 -30.31
N THR D 476 -13.68 -13.80 -29.86
CA THR D 476 -13.03 -12.50 -29.82
C THR D 476 -12.69 -11.96 -31.20
N ALA D 477 -13.06 -12.68 -32.26
CA ALA D 477 -12.90 -12.27 -33.66
C ALA D 477 -11.44 -12.33 -34.09
N VAL D 478 -10.54 -12.59 -33.16
CA VAL D 478 -9.13 -12.84 -33.50
C VAL D 478 -9.03 -14.35 -33.65
N LYS D 479 -9.44 -14.84 -34.81
CA LYS D 479 -9.73 -16.26 -34.96
C LYS D 479 -8.50 -17.11 -35.14
N GLU D 480 -7.73 -16.89 -36.21
CA GLU D 480 -6.57 -17.70 -36.49
C GLU D 480 -5.27 -17.05 -36.10
N ARG D 481 -5.22 -15.72 -36.04
CA ARG D 481 -4.01 -15.00 -35.66
C ARG D 481 -3.91 -14.77 -34.16
N GLY D 482 -4.67 -15.52 -33.36
CA GLY D 482 -4.62 -15.34 -31.92
C GLY D 482 -3.26 -15.67 -31.34
N LYS D 483 -3.03 -15.21 -30.13
CA LYS D 483 -1.77 -15.46 -29.44
C LYS D 483 -1.83 -16.72 -28.58
N ASN D 484 -2.93 -16.93 -27.85
CA ASN D 484 -3.01 -18.07 -26.95
C ASN D 484 -2.98 -19.39 -27.68
N ARG D 485 -3.43 -19.42 -28.93
CA ARG D 485 -3.52 -20.67 -29.66
C ARG D 485 -2.16 -21.33 -29.92
N LYS D 486 -1.07 -20.62 -29.66
CA LYS D 486 0.25 -21.22 -29.78
C LYS D 486 0.89 -21.51 -28.42
N LYS D 487 0.67 -20.63 -27.45
CA LYS D 487 1.10 -20.92 -26.08
C LYS D 487 0.47 -22.21 -25.57
N VAL D 488 -0.81 -22.41 -25.86
CA VAL D 488 -1.51 -23.58 -25.37
C VAL D 488 -0.99 -24.85 -26.04
N LEU D 489 -0.70 -24.79 -27.34
CA LEU D 489 -0.16 -25.99 -28.00
C LEU D 489 1.24 -26.30 -27.51
N THR D 490 2.05 -25.28 -27.24
CA THR D 490 3.37 -25.53 -26.66
C THR D 490 3.26 -26.20 -25.30
N LEU D 491 2.38 -25.67 -24.44
CA LEU D 491 2.19 -26.25 -23.12
C LEU D 491 1.68 -27.68 -23.22
N LEU D 492 0.77 -27.95 -24.18
CA LEU D 492 0.25 -29.30 -24.34
C LEU D 492 1.33 -30.25 -24.81
N GLY D 493 2.18 -29.82 -25.73
CA GLY D 493 3.28 -30.66 -26.16
C GLY D 493 4.22 -31.01 -25.01
N LEU D 494 4.66 -30.01 -24.26
CA LEU D 494 5.60 -30.27 -23.18
C LEU D 494 4.97 -31.15 -22.10
N SER D 495 3.70 -30.93 -21.77
CA SER D 495 3.08 -31.73 -20.73
C SER D 495 2.86 -33.17 -21.19
N SER D 496 2.53 -33.39 -22.46
CA SER D 496 2.44 -34.75 -22.96
C SER D 496 3.80 -35.43 -22.95
N LEU D 497 4.86 -34.68 -23.24
CA LEU D 497 6.21 -35.24 -23.19
C LEU D 497 6.56 -35.69 -21.78
N VAL D 498 6.30 -34.83 -20.78
CA VAL D 498 6.55 -35.22 -19.39
C VAL D 498 5.73 -36.44 -19.02
N GLY D 499 4.45 -36.46 -19.41
CA GLY D 499 3.60 -37.59 -19.10
C GLY D 499 4.15 -38.90 -19.65
N VAL D 500 4.52 -38.91 -20.94
CA VAL D 500 4.98 -40.16 -21.52
C VAL D 500 6.35 -40.56 -20.98
N THR D 501 7.21 -39.57 -20.68
CA THR D 501 8.49 -39.90 -20.05
C THR D 501 8.27 -40.64 -18.74
N TRP D 502 7.43 -40.09 -17.86
CA TRP D 502 7.19 -40.76 -16.58
C TRP D 502 6.49 -42.10 -16.79
N GLY D 503 5.59 -42.18 -17.77
CA GLY D 503 4.87 -43.42 -18.00
C GLY D 503 5.79 -44.56 -18.41
N LEU D 504 6.65 -44.31 -19.39
CA LEU D 504 7.58 -45.34 -19.80
C LEU D 504 8.76 -45.47 -18.85
N ALA D 505 8.91 -44.56 -17.89
CA ALA D 505 9.88 -44.78 -16.83
C ALA D 505 9.35 -45.75 -15.79
N ILE D 506 8.05 -45.69 -15.52
CA ILE D 506 7.46 -46.65 -14.58
C ILE D 506 7.30 -48.02 -15.24
N PHE D 507 6.68 -48.05 -16.42
CA PHE D 507 6.17 -49.32 -16.95
C PHE D 507 7.23 -50.19 -17.61
N THR D 508 8.48 -49.73 -17.73
CA THR D 508 9.43 -50.61 -18.40
C THR D 508 10.47 -51.15 -17.41
N PRO D 509 10.80 -52.44 -17.52
CA PRO D 509 11.69 -53.05 -16.54
C PRO D 509 13.13 -52.58 -16.70
N LEU D 510 13.77 -52.31 -15.58
CA LEU D 510 15.15 -51.83 -15.60
C LEU D 510 16.12 -53.01 -15.71
N GLY D 511 17.27 -52.75 -16.31
CA GLY D 511 18.29 -53.78 -16.49
C GLY D 511 19.59 -53.11 -16.91
N LEU D 512 20.51 -53.91 -17.42
CA LEU D 512 21.75 -53.35 -17.95
C LEU D 512 21.45 -52.36 -19.07
N SER D 513 20.51 -52.70 -19.93
CA SER D 513 19.93 -51.74 -20.86
C SER D 513 18.80 -51.00 -20.18
N THR D 514 18.36 -49.90 -20.79
CA THR D 514 17.24 -49.06 -20.37
C THR D 514 17.64 -48.26 -19.12
N VAL D 515 18.83 -48.45 -18.58
CA VAL D 515 19.24 -47.66 -17.41
C VAL D 515 19.86 -46.34 -17.85
N TYR D 516 20.53 -46.33 -19.02
CA TYR D 516 21.09 -45.10 -19.53
C TYR D 516 19.99 -44.09 -19.89
N ILE D 517 18.91 -44.57 -20.50
CA ILE D 517 17.78 -43.70 -20.80
C ILE D 517 17.21 -43.11 -19.53
N PHE D 518 17.18 -43.90 -18.45
CA PHE D 518 16.65 -43.38 -17.18
C PHE D 518 17.59 -42.34 -16.58
N ALA D 519 18.90 -42.56 -16.69
CA ALA D 519 19.85 -41.55 -16.24
C ALA D 519 19.66 -40.25 -17.01
N LEU D 520 19.48 -40.33 -18.33
CA LEU D 520 19.23 -39.13 -19.12
C LEU D 520 17.94 -38.45 -18.72
N PHE D 521 16.88 -39.25 -18.54
CA PHE D 521 15.59 -38.69 -18.12
C PHE D 521 15.72 -37.95 -16.81
N ASN D 522 16.46 -38.51 -15.85
CA ASN D 522 16.59 -37.85 -14.55
C ASN D 522 17.44 -36.59 -14.65
N SER D 523 18.56 -36.65 -15.38
CA SER D 523 19.37 -35.46 -15.58
C SER D 523 18.55 -34.33 -16.20
N LEU D 524 17.70 -34.67 -17.18
CA LEU D 524 16.90 -33.64 -17.82
C LEU D 524 15.78 -33.16 -16.90
N GLN D 525 15.21 -34.07 -16.11
CA GLN D 525 14.19 -33.66 -15.14
C GLN D 525 14.77 -32.67 -14.14
N GLY D 526 16.07 -32.75 -13.86
CA GLY D 526 16.69 -31.75 -13.01
C GLY D 526 16.99 -30.47 -13.74
N VAL D 527 17.62 -30.59 -14.92
CA VAL D 527 18.11 -29.41 -15.64
C VAL D 527 16.96 -28.54 -16.12
N PHE D 528 15.90 -29.15 -16.65
CA PHE D 528 14.78 -28.35 -17.15
C PHE D 528 14.14 -27.57 -16.03
N ILE D 529 13.89 -28.21 -14.88
CA ILE D 529 13.27 -27.51 -13.77
C ILE D 529 14.16 -26.38 -13.29
N CYS D 530 15.47 -26.63 -13.18
CA CYS D 530 16.38 -25.57 -12.73
C CYS D 530 16.36 -24.38 -13.68
N CYS D 531 16.56 -24.61 -14.97
CA CYS D 531 16.61 -23.51 -15.93
C CYS D 531 15.27 -22.79 -16.02
N TRP D 532 14.17 -23.53 -15.94
CA TRP D 532 12.85 -22.90 -15.95
C TRP D 532 12.68 -21.98 -14.75
N PHE D 533 13.04 -22.45 -13.57
CA PHE D 533 12.87 -21.61 -12.38
C PHE D 533 13.76 -20.39 -12.42
N THR D 534 14.99 -20.52 -12.92
CA THR D 534 15.85 -19.35 -13.00
C THR D 534 15.32 -18.34 -14.01
N ILE D 535 15.14 -18.77 -15.26
CA ILE D 535 14.68 -17.86 -16.32
C ILE D 535 13.35 -17.23 -15.96
N LEU D 536 12.53 -17.92 -15.17
CA LEU D 536 11.21 -17.40 -14.87
C LEU D 536 11.26 -16.28 -13.83
N TYR D 537 11.95 -16.51 -12.72
CA TYR D 537 11.95 -15.60 -11.58
C TYR D 537 13.31 -14.94 -11.35
N LEU D 538 13.96 -14.53 -12.44
CA LEU D 538 15.16 -13.70 -12.36
C LEU D 538 15.04 -12.60 -13.41
N PRO D 539 14.96 -11.32 -13.00
CA PRO D 539 14.92 -10.21 -13.94
C PRO D 539 16.31 -9.82 -14.44
N VAL E 2 -23.01 12.59 21.81
CA VAL E 2 -22.56 11.57 22.73
C VAL E 2 -23.55 11.42 23.87
N GLN E 3 -23.98 10.20 24.12
CA GLN E 3 -24.96 9.95 25.17
C GLN E 3 -24.85 8.50 25.62
N LEU E 4 -25.11 8.29 26.92
CA LEU E 4 -25.10 6.96 27.51
C LEU E 4 -26.12 6.93 28.62
N VAL E 5 -27.09 6.03 28.54
CA VAL E 5 -28.10 5.86 29.58
C VAL E 5 -28.07 4.40 30.04
N GLU E 6 -28.13 4.21 31.34
CA GLU E 6 -28.09 2.88 31.94
C GLU E 6 -29.46 2.50 32.49
N SER E 7 -29.77 1.21 32.44
CA SER E 7 -31.04 0.70 32.91
C SER E 7 -30.83 -0.66 33.56
N GLY E 8 -31.63 -0.94 34.58
CA GLY E 8 -31.53 -2.20 35.29
C GLY E 8 -31.40 -2.04 36.79
N GLY E 9 -31.75 -0.87 37.31
CA GLY E 9 -31.64 -0.61 38.73
C GLY E 9 -32.67 -1.35 39.56
N GLY E 10 -32.94 -0.84 40.76
CA GLY E 10 -33.96 -1.42 41.61
C GLY E 10 -33.36 -2.34 42.66
N LEU E 11 -34.25 -2.87 43.50
CA LEU E 11 -33.85 -3.72 44.61
C LEU E 11 -33.79 -5.19 44.20
N VAL E 12 -32.86 -5.91 44.81
CA VAL E 12 -32.70 -7.34 44.60
C VAL E 12 -32.48 -7.99 45.96
N GLN E 13 -32.91 -9.24 46.08
CA GLN E 13 -32.51 -9.93 47.30
C GLN E 13 -31.17 -10.62 47.09
N PRO E 14 -30.35 -10.72 48.14
CA PRO E 14 -29.02 -11.32 47.97
C PRO E 14 -29.11 -12.73 47.43
N GLY E 15 -28.07 -13.13 46.70
CA GLY E 15 -28.07 -14.40 46.01
C GLY E 15 -28.78 -14.41 44.68
N GLY E 16 -29.54 -13.37 44.37
CA GLY E 16 -30.30 -13.31 43.13
C GLY E 16 -29.45 -13.02 41.91
N SER E 17 -30.03 -12.34 40.93
CA SER E 17 -29.31 -12.00 39.72
C SER E 17 -30.04 -10.87 39.01
N ARG E 18 -29.27 -10.05 38.29
CA ARG E 18 -29.82 -8.90 37.60
C ARG E 18 -28.87 -8.53 36.47
N LYS E 19 -29.44 -8.05 35.36
CA LYS E 19 -28.66 -7.64 34.20
C LYS E 19 -28.81 -6.15 33.98
N LEU E 20 -27.70 -5.42 33.98
CA LEU E 20 -27.69 -4.02 33.60
C LEU E 20 -27.40 -3.90 32.11
N SER E 21 -27.89 -2.82 31.52
CA SER E 21 -27.68 -2.59 30.09
C SER E 21 -27.54 -1.11 29.83
N CYS E 22 -26.49 -0.73 29.12
CA CYS E 22 -26.24 0.65 28.73
C CYS E 22 -26.41 0.76 27.23
N SER E 23 -27.24 1.70 26.80
CA SER E 23 -27.53 1.91 25.39
C SER E 23 -26.86 3.20 24.94
N ALA E 24 -25.85 3.06 24.08
CA ALA E 24 -25.03 4.17 23.63
C ALA E 24 -25.58 4.73 22.32
N SER E 25 -25.61 6.05 22.23
CA SER E 25 -26.13 6.72 21.04
C SER E 25 -25.38 8.02 20.84
N GLY E 26 -24.91 8.24 19.62
CA GLY E 26 -24.23 9.48 19.28
C GLY E 26 -22.75 9.37 19.04
N PHE E 27 -22.21 8.18 18.87
CA PHE E 27 -20.81 8.01 18.51
C PHE E 27 -20.61 6.63 17.91
N ALA E 28 -19.41 6.39 17.40
CA ALA E 28 -19.05 5.12 16.77
C ALA E 28 -18.77 4.09 17.87
N PHE E 29 -19.85 3.61 18.47
CA PHE E 29 -19.75 2.72 19.62
C PHE E 29 -18.86 1.52 19.35
N SER E 30 -18.86 0.99 18.13
CA SER E 30 -18.15 -0.24 17.86
C SER E 30 -16.64 -0.11 17.94
N SER E 31 -16.11 1.11 18.05
CA SER E 31 -14.68 1.33 18.05
C SER E 31 -14.13 1.73 19.41
N PHE E 32 -14.97 1.83 20.42
CA PHE E 32 -14.56 2.20 21.77
C PHE E 32 -14.48 0.96 22.64
N GLY E 33 -13.48 0.91 23.50
CA GLY E 33 -13.54 0.01 24.63
C GLY E 33 -14.54 0.50 25.64
N MET E 34 -14.92 -0.37 26.57
CA MET E 34 -15.97 0.00 27.51
C MET E 34 -15.69 -0.60 28.87
N HIS E 35 -15.97 0.18 29.92
CA HIS E 35 -15.76 -0.23 31.29
C HIS E 35 -17.08 -0.21 32.05
N TRP E 36 -17.05 -0.70 33.27
CA TRP E 36 -18.10 -0.48 34.26
C TRP E 36 -17.42 -0.03 35.53
N VAL E 37 -17.88 1.10 36.08
CA VAL E 37 -17.26 1.69 37.27
C VAL E 37 -18.38 1.93 38.27
N ARG E 38 -18.34 1.22 39.39
CA ARG E 38 -19.36 1.39 40.41
C ARG E 38 -18.88 2.35 41.50
N GLN E 39 -19.82 2.81 42.31
CA GLN E 39 -19.51 3.75 43.38
C GLN E 39 -20.46 3.48 44.53
N ALA E 40 -19.95 2.87 45.59
CA ALA E 40 -20.72 2.54 46.79
C ALA E 40 -21.42 3.78 47.33
N PRO E 41 -22.44 3.62 48.22
CA PRO E 41 -23.25 4.77 48.62
C PRO E 41 -22.49 6.04 48.98
N GLU E 42 -21.59 6.00 49.96
CA GLU E 42 -20.78 7.16 50.32
C GLU E 42 -19.30 6.83 50.30
N LYS E 43 -18.86 6.12 49.27
CA LYS E 43 -17.44 5.84 49.12
C LYS E 43 -16.94 6.25 47.74
N GLY E 44 -15.69 5.89 47.44
CA GLY E 44 -15.09 6.26 46.18
C GLY E 44 -15.36 5.28 45.08
N LEU E 45 -14.90 5.63 43.89
CA LEU E 45 -15.13 4.81 42.71
C LEU E 45 -14.39 3.48 42.82
N GLU E 46 -14.72 2.57 41.92
CA GLU E 46 -14.15 1.22 41.94
C GLU E 46 -14.37 0.58 40.59
N TRP E 47 -13.29 0.13 39.96
CA TRP E 47 -13.38 -0.49 38.65
C TRP E 47 -13.99 -1.88 38.75
N VAL E 48 -14.81 -2.25 37.76
CA VAL E 48 -15.50 -3.53 37.81
C VAL E 48 -15.09 -4.44 36.66
N ALA E 49 -15.31 -3.99 35.43
CA ALA E 49 -15.01 -4.85 34.29
C ALA E 49 -14.70 -4.00 33.07
N TYR E 50 -14.00 -4.61 32.11
CA TYR E 50 -13.60 -3.95 30.88
C TYR E 50 -13.74 -4.92 29.72
N ILE E 51 -14.31 -4.46 28.61
CA ILE E 51 -14.40 -5.26 27.41
C ILE E 51 -13.88 -4.44 26.23
N SER E 52 -12.96 -5.04 25.47
CA SER E 52 -12.27 -4.36 24.38
C SER E 52 -13.21 -3.98 23.25
N SER E 53 -12.69 -3.31 22.22
CA SER E 53 -13.42 -3.10 20.99
C SER E 53 -13.22 -4.31 20.10
N GLY E 54 -14.31 -4.92 19.68
CA GLY E 54 -14.22 -6.23 19.08
C GLY E 54 -14.29 -7.36 20.08
N SER E 55 -14.51 -7.05 21.36
CA SER E 55 -14.68 -8.05 22.41
C SER E 55 -13.53 -9.05 22.43
N GLY E 56 -12.34 -8.61 22.04
CA GLY E 56 -11.20 -9.49 21.98
C GLY E 56 -10.63 -9.84 23.34
N THR E 57 -10.43 -8.83 24.19
CA THR E 57 -9.86 -9.03 25.51
C THR E 57 -10.80 -8.47 26.56
N ILE E 58 -10.96 -9.21 27.65
CA ILE E 58 -11.86 -8.87 28.74
C ILE E 58 -11.09 -8.99 30.05
N TYR E 59 -11.36 -8.07 30.98
CA TYR E 59 -10.77 -8.12 32.30
C TYR E 59 -11.87 -7.90 33.33
N TYR E 60 -11.66 -8.44 34.53
CA TYR E 60 -12.60 -8.26 35.63
C TYR E 60 -11.81 -7.93 36.88
N ALA E 61 -12.43 -7.18 37.78
CA ALA E 61 -11.85 -7.00 39.10
C ALA E 61 -11.85 -8.32 39.85
N ASP E 62 -10.87 -8.50 40.73
CA ASP E 62 -10.77 -9.76 41.43
C ASP E 62 -11.86 -9.95 42.48
N THR E 63 -12.71 -8.95 42.70
CA THR E 63 -13.81 -9.08 43.65
C THR E 63 -15.10 -9.52 42.97
N VAL E 64 -15.20 -9.39 41.66
CA VAL E 64 -16.38 -9.80 40.91
C VAL E 64 -16.04 -10.85 39.88
N LYS E 65 -14.86 -11.45 39.97
CA LYS E 65 -14.47 -12.49 39.02
C LYS E 65 -15.37 -13.70 39.18
N GLY E 66 -15.89 -14.21 38.06
CA GLY E 66 -16.74 -15.37 38.05
C GLY E 66 -18.21 -15.08 38.31
N ARG E 67 -18.52 -14.05 39.10
CA ARG E 67 -19.90 -13.70 39.36
C ARG E 67 -20.48 -12.85 38.22
N PHE E 68 -19.72 -11.85 37.77
CA PHE E 68 -20.19 -10.93 36.76
C PHE E 68 -19.69 -11.36 35.38
N THR E 69 -20.42 -10.94 34.35
CA THR E 69 -20.03 -11.22 32.97
C THR E 69 -20.39 -10.02 32.10
N ILE E 70 -19.40 -9.46 31.42
CA ILE E 70 -19.58 -8.30 30.57
C ILE E 70 -19.60 -8.75 29.12
N SER E 71 -20.37 -8.04 28.30
CA SER E 71 -20.51 -8.35 26.89
C SER E 71 -21.16 -7.17 26.20
N ARG E 72 -20.92 -7.05 24.90
CA ARG E 72 -21.44 -5.95 24.11
C ARG E 72 -22.16 -6.49 22.89
N ASP E 73 -23.19 -5.75 22.46
CA ASP E 73 -23.90 -6.04 21.22
C ASP E 73 -23.74 -4.82 20.32
N ASP E 74 -22.91 -4.96 19.28
CA ASP E 74 -22.51 -3.82 18.47
C ASP E 74 -23.60 -3.36 17.50
N PRO E 75 -24.27 -4.25 16.76
CA PRO E 75 -25.33 -3.77 15.85
C PRO E 75 -26.45 -3.03 16.56
N LYS E 76 -26.66 -3.29 17.84
CA LYS E 76 -27.70 -2.61 18.61
C LYS E 76 -27.15 -1.53 19.53
N ASN E 77 -25.82 -1.34 19.57
CA ASN E 77 -25.19 -0.30 20.36
C ASN E 77 -25.57 -0.41 21.83
N THR E 78 -25.25 -1.55 22.44
CA THR E 78 -25.64 -1.80 23.81
C THR E 78 -24.54 -2.59 24.51
N LEU E 79 -24.34 -2.29 25.80
CA LEU E 79 -23.35 -2.95 26.63
C LEU E 79 -24.05 -3.59 27.82
N PHE E 80 -23.78 -4.87 28.05
CA PHE E 80 -24.48 -5.65 29.06
C PHE E 80 -23.54 -6.03 30.19
N LEU E 81 -24.06 -6.04 31.42
CA LEU E 81 -23.37 -6.59 32.58
C LEU E 81 -24.36 -7.51 33.30
N GLN E 82 -24.15 -8.82 33.17
CA GLN E 82 -24.99 -9.80 33.84
C GLN E 82 -24.36 -10.16 35.17
N MET E 83 -25.09 -9.91 36.26
CA MET E 83 -24.58 -10.10 37.60
C MET E 83 -25.22 -11.35 38.22
N THR E 84 -24.39 -12.23 38.76
CA THR E 84 -24.82 -13.48 39.35
C THR E 84 -24.35 -13.55 40.79
N SER E 85 -25.20 -14.07 41.67
CA SER E 85 -24.86 -14.28 43.08
C SER E 85 -24.51 -12.96 43.77
N LEU E 86 -25.46 -12.03 43.73
CA LEU E 86 -25.25 -10.72 44.34
C LEU E 86 -25.03 -10.86 45.84
N ARG E 87 -24.33 -9.89 46.42
CA ARG E 87 -24.06 -9.84 47.84
C ARG E 87 -24.48 -8.47 48.37
N SER E 88 -24.35 -8.29 49.68
CA SER E 88 -24.69 -7.01 50.29
C SER E 88 -23.63 -5.93 50.03
N GLU E 89 -22.52 -6.29 49.39
CA GLU E 89 -21.47 -5.34 49.07
C GLU E 89 -21.55 -4.83 47.64
N ASP E 90 -22.55 -5.28 46.87
CA ASP E 90 -22.75 -4.82 45.51
C ASP E 90 -23.80 -3.72 45.42
N THR E 91 -24.26 -3.19 46.55
CA THR E 91 -25.24 -2.13 46.55
C THR E 91 -24.61 -0.78 46.18
N ALA E 92 -24.35 -0.58 44.89
CA ALA E 92 -23.64 0.61 44.46
C ALA E 92 -24.27 1.13 43.18
N MET E 93 -23.89 2.35 42.81
CA MET E 93 -24.35 2.98 41.58
C MET E 93 -23.33 2.73 40.48
N TYR E 94 -23.79 2.15 39.38
CA TYR E 94 -22.91 1.67 38.33
C TYR E 94 -22.86 2.66 37.19
N TYR E 95 -21.65 3.03 36.79
CA TYR E 95 -21.42 3.92 35.66
C TYR E 95 -20.87 3.13 34.48
N CYS E 96 -21.06 3.68 33.29
CA CYS E 96 -20.49 3.12 32.07
C CYS E 96 -19.59 4.17 31.44
N VAL E 97 -18.40 3.75 31.04
CA VAL E 97 -17.36 4.65 30.55
C VAL E 97 -16.86 4.15 29.22
N ARG E 98 -16.68 5.05 28.26
CA ARG E 98 -16.10 4.72 26.97
C ARG E 98 -14.62 5.06 26.96
N SER E 99 -13.86 4.34 26.15
CA SER E 99 -12.42 4.51 26.13
C SER E 99 -11.88 4.01 24.81
N ILE E 100 -11.13 4.86 24.13
CA ILE E 100 -10.50 4.49 22.85
C ILE E 100 -9.00 4.66 23.02
N TYR E 101 -8.24 3.70 22.49
CA TYR E 101 -6.80 3.64 22.71
C TYR E 101 -6.07 3.68 21.37
N TYR E 102 -5.39 4.79 21.12
CA TYR E 102 -4.37 4.90 20.09
C TYR E 102 -3.37 5.92 20.59
N TYR E 103 -2.35 6.21 19.78
CA TYR E 103 -1.32 7.15 20.20
C TYR E 103 -1.91 8.55 20.29
N GLY E 104 -2.12 9.03 21.51
CA GLY E 104 -2.59 10.37 21.74
C GLY E 104 -4.06 10.51 22.05
N SER E 105 -4.73 9.44 22.44
CA SER E 105 -6.16 9.48 22.69
C SER E 105 -6.46 9.94 24.11
N SER E 106 -7.74 10.03 24.43
CA SER E 106 -8.22 10.49 25.72
C SER E 106 -9.20 9.45 26.28
N PRO E 107 -8.69 8.41 26.93
CA PRO E 107 -9.58 7.40 27.49
C PRO E 107 -10.28 7.91 28.74
N PHE E 108 -11.41 7.25 29.06
CA PHE E 108 -12.26 7.58 30.19
C PHE E 108 -12.87 8.96 30.06
N ASP E 109 -13.11 9.40 28.82
CA ASP E 109 -13.50 10.80 28.60
C ASP E 109 -14.99 11.05 28.80
N PHE E 110 -15.84 10.08 28.49
CA PHE E 110 -17.28 10.26 28.68
C PHE E 110 -17.83 9.17 29.58
N TRP E 111 -18.55 9.58 30.62
CA TRP E 111 -19.16 8.67 31.58
C TRP E 111 -20.67 8.70 31.42
N GLY E 112 -21.31 7.55 31.64
CA GLY E 112 -22.75 7.47 31.62
C GLY E 112 -23.40 8.22 32.76
N GLN E 113 -24.65 7.90 33.07
CA GLN E 113 -25.39 8.65 34.08
C GLN E 113 -25.58 7.90 35.39
N GLY E 114 -25.57 6.56 35.37
CA GLY E 114 -25.65 5.81 36.60
C GLY E 114 -26.98 5.16 36.86
N THR E 115 -26.96 3.90 37.28
CA THR E 115 -28.18 3.12 37.55
C THR E 115 -28.05 2.53 38.95
N THR E 116 -28.67 3.17 39.93
CA THR E 116 -28.56 2.71 41.31
C THR E 116 -29.14 1.32 41.46
N LEU E 117 -28.37 0.43 42.10
CA LEU E 117 -28.79 -0.93 42.38
C LEU E 117 -28.61 -1.22 43.85
N THR E 118 -29.67 -1.64 44.52
CA THR E 118 -29.64 -1.97 45.93
C THR E 118 -29.81 -3.46 46.12
N VAL E 119 -29.08 -4.02 47.09
CA VAL E 119 -29.18 -5.43 47.41
C VAL E 119 -29.45 -5.55 48.90
N SER E 120 -30.63 -6.03 49.26
CA SER E 120 -31.01 -6.18 50.66
C SER E 120 -30.14 -7.21 51.37
N SER E 136 0.74 -7.51 42.62
CA SER E 136 -0.26 -6.94 43.51
C SER E 136 -0.88 -5.67 42.91
N ASP E 137 -1.88 -5.13 43.60
CA ASP E 137 -2.59 -3.96 43.13
C ASP E 137 -1.84 -2.69 43.52
N ILE E 138 -1.68 -1.77 42.56
CA ILE E 138 -1.12 -0.47 42.87
C ILE E 138 -2.12 0.30 43.72
N VAL E 139 -1.63 0.90 44.80
CA VAL E 139 -2.49 1.51 45.81
C VAL E 139 -2.29 3.01 45.71
N MET E 140 -3.23 3.71 45.09
CA MET E 140 -3.22 5.15 45.10
C MET E 140 -3.66 5.67 46.46
N THR E 141 -3.10 6.79 46.87
CA THR E 141 -3.28 7.28 48.24
C THR E 141 -3.57 8.78 48.21
N GLN E 142 -4.85 9.14 48.21
CA GLN E 142 -5.26 10.53 48.39
C GLN E 142 -5.05 10.89 49.86
N ALA E 143 -3.89 11.48 50.16
CA ALA E 143 -3.49 11.66 51.56
C ALA E 143 -4.52 12.44 52.36
N THR E 144 -4.93 13.61 51.87
CA THR E 144 -5.91 14.42 52.56
C THR E 144 -7.31 13.87 52.31
N SER E 145 -8.30 14.48 52.95
CA SER E 145 -9.68 14.05 52.81
C SER E 145 -10.67 15.18 52.55
N SER E 146 -10.35 16.42 52.91
CA SER E 146 -11.26 17.55 52.68
C SER E 146 -10.46 18.84 52.73
N VAL E 147 -10.84 19.78 51.88
CA VAL E 147 -10.14 21.07 51.80
C VAL E 147 -11.16 22.20 51.78
N PRO E 148 -11.18 23.07 52.78
CA PRO E 148 -12.09 24.23 52.74
C PRO E 148 -11.47 25.35 51.93
N VAL E 149 -12.17 25.77 50.87
CA VAL E 149 -11.66 26.78 49.95
C VAL E 149 -12.71 27.85 49.73
N THR E 150 -12.25 29.03 49.33
CA THR E 150 -13.08 30.16 48.96
C THR E 150 -12.77 30.56 47.52
N PRO E 151 -13.76 31.08 46.78
CA PRO E 151 -13.53 31.35 45.36
C PRO E 151 -12.49 32.42 45.10
N GLY E 152 -11.35 32.02 44.55
CA GLY E 152 -10.32 32.98 44.18
C GLY E 152 -8.90 32.56 44.46
N GLU E 153 -8.70 31.70 45.45
CA GLU E 153 -7.38 31.26 45.84
C GLU E 153 -6.99 30.00 45.07
N SER E 154 -5.71 29.90 44.72
CA SER E 154 -5.22 28.70 44.04
C SER E 154 -5.10 27.55 45.04
N VAL E 155 -5.53 26.37 44.61
CA VAL E 155 -5.57 25.20 45.48
C VAL E 155 -4.90 24.04 44.74
N SER E 156 -4.16 23.22 45.47
CA SER E 156 -3.54 22.04 44.91
C SER E 156 -4.04 20.80 45.63
N ILE E 157 -4.01 19.68 44.93
CA ILE E 157 -4.42 18.38 45.46
C ILE E 157 -3.28 17.39 45.21
N SER E 158 -3.05 16.50 46.16
CA SER E 158 -1.90 15.60 46.11
C SER E 158 -2.36 14.14 46.08
N CYS E 159 -1.75 13.37 45.18
CA CYS E 159 -1.97 11.94 45.09
C CYS E 159 -0.62 11.26 45.29
N ARG E 160 -0.65 9.95 45.48
CA ARG E 160 0.58 9.21 45.68
C ARG E 160 0.36 7.76 45.28
N SER E 161 1.41 7.16 44.71
CA SER E 161 1.33 5.81 44.21
C SER E 161 2.15 4.86 45.06
N SER E 162 1.82 3.57 44.98
CA SER E 162 2.62 2.53 45.61
C SER E 162 3.71 2.01 44.69
N LYS E 163 3.59 2.27 43.39
CA LYS E 163 4.55 1.83 42.40
C LYS E 163 4.80 2.97 41.44
N SER E 164 6.00 3.03 40.89
CA SER E 164 6.34 4.09 39.94
C SER E 164 5.46 3.98 38.70
N LEU E 165 4.61 4.99 38.49
CA LEU E 165 3.71 5.00 37.35
C LEU E 165 4.40 5.36 36.05
N LEU E 166 5.62 5.88 36.09
CA LEU E 166 6.36 6.24 34.89
C LEU E 166 6.83 4.98 34.18
N HIS E 167 6.20 4.67 33.05
CA HIS E 167 6.62 3.54 32.25
C HIS E 167 7.94 3.85 31.54
N SER E 168 8.51 2.84 30.92
CA SER E 168 9.80 3.03 30.25
C SER E 168 9.65 3.82 28.96
N ASN E 169 8.47 3.80 28.34
CA ASN E 169 8.28 4.53 27.09
C ASN E 169 8.17 6.03 27.29
N GLY E 170 8.08 6.51 28.53
CA GLY E 170 8.10 7.92 28.82
C GLY E 170 6.82 8.46 29.40
N ASN E 171 5.71 7.73 29.24
CA ASN E 171 4.41 8.19 29.71
C ASN E 171 4.20 7.83 31.16
N THR E 172 3.54 8.72 31.89
CA THR E 172 3.13 8.48 33.27
C THR E 172 1.60 8.42 33.29
N TYR E 173 1.07 7.25 33.61
CA TYR E 173 -0.37 6.99 33.47
C TYR E 173 -1.09 7.40 34.74
N LEU E 174 -1.48 8.67 34.82
CA LEU E 174 -2.28 9.15 35.93
C LEU E 174 -3.39 10.03 35.39
N TYR E 175 -4.62 9.75 35.81
CA TYR E 175 -5.79 10.45 35.33
C TYR E 175 -6.50 11.10 36.51
N TRP E 176 -7.01 12.32 36.31
CA TRP E 176 -7.70 13.06 37.35
C TRP E 176 -9.16 13.24 36.95
N PHE E 177 -10.05 13.02 37.90
CA PHE E 177 -11.50 13.11 37.67
C PHE E 177 -12.10 14.07 38.67
N LEU E 178 -13.21 14.70 38.26
CA LEU E 178 -13.95 15.63 39.12
C LEU E 178 -15.42 15.26 39.08
N GLN E 179 -16.00 15.01 40.24
CA GLN E 179 -17.41 14.62 40.35
C GLN E 179 -18.15 15.73 41.08
N ARG E 180 -18.86 16.57 40.33
CA ARG E 180 -19.68 17.60 40.94
C ARG E 180 -20.86 16.96 41.66
N PRO E 181 -21.38 17.62 42.72
CA PRO E 181 -22.42 16.99 43.55
C PRO E 181 -23.64 16.53 42.76
N GLY E 182 -23.86 15.23 42.73
CA GLY E 182 -25.03 14.67 42.06
C GLY E 182 -24.91 14.53 40.57
N GLN E 183 -23.70 14.34 40.05
CA GLN E 183 -23.48 14.22 38.62
C GLN E 183 -22.45 13.14 38.34
N SER E 184 -22.26 12.83 37.07
CA SER E 184 -21.23 11.89 36.68
C SER E 184 -19.85 12.52 36.80
N PRO E 185 -18.83 11.74 37.11
CA PRO E 185 -17.47 12.29 37.15
C PRO E 185 -16.91 12.44 35.75
N GLN E 186 -16.23 13.56 35.52
CA GLN E 186 -15.69 13.88 34.21
C GLN E 186 -14.17 13.93 34.27
N LEU E 187 -13.54 13.69 33.12
CA LEU E 187 -12.11 13.68 33.01
C LEU E 187 -11.56 15.10 32.98
N LEU E 188 -10.52 15.35 33.75
CA LEU E 188 -9.81 16.63 33.75
C LEU E 188 -8.46 16.54 33.08
N ILE E 189 -7.65 15.56 33.45
CA ILE E 189 -6.26 15.46 33.01
C ILE E 189 -5.97 13.99 32.71
N TYR E 190 -5.32 13.73 31.57
CA TYR E 190 -4.96 12.36 31.22
C TYR E 190 -3.46 12.24 30.99
N ARG E 191 -2.89 11.16 31.53
CA ARG E 191 -1.45 10.92 31.51
C ARG E 191 -0.68 12.04 32.20
N MET E 192 -1.31 12.61 33.23
CA MET E 192 -0.84 13.46 34.32
C MET E 192 -0.54 14.89 33.91
N SER E 193 -0.55 15.23 32.63
CA SER E 193 -0.32 16.62 32.25
C SER E 193 -1.25 17.13 31.16
N ASN E 194 -1.82 16.27 30.33
CA ASN E 194 -2.65 16.69 29.21
C ASN E 194 -4.03 17.07 29.70
N LEU E 195 -4.49 18.27 29.33
CA LEU E 195 -5.82 18.72 29.71
C LEU E 195 -6.86 18.12 28.78
N ALA E 196 -7.97 17.67 29.35
CA ALA E 196 -9.02 17.05 28.56
C ALA E 196 -9.78 18.09 27.75
N SER E 197 -10.30 17.66 26.61
CA SER E 197 -11.00 18.56 25.69
C SER E 197 -12.29 19.06 26.34
N GLY E 198 -12.40 20.37 26.47
CA GLY E 198 -13.54 20.98 27.13
C GLY E 198 -13.34 21.36 28.57
N VAL E 199 -12.11 21.38 29.04
CA VAL E 199 -11.78 21.69 30.43
C VAL E 199 -11.05 23.02 30.46
N PRO E 200 -11.45 23.96 31.32
CA PRO E 200 -10.77 25.26 31.37
C PRO E 200 -9.29 25.12 31.73
N ASP E 201 -8.51 26.11 31.31
CA ASP E 201 -7.07 26.06 31.50
C ASP E 201 -6.66 26.32 32.95
N ARG E 202 -7.63 26.54 33.85
CA ARG E 202 -7.31 26.77 35.25
C ARG E 202 -6.60 25.57 35.87
N PHE E 203 -6.87 24.37 35.39
CA PHE E 203 -6.29 23.16 35.96
C PHE E 203 -4.95 22.85 35.31
N SER E 204 -4.08 22.24 36.10
CA SER E 204 -2.74 21.88 35.62
C SER E 204 -2.25 20.69 36.43
N GLY E 205 -1.68 19.71 35.74
CA GLY E 205 -1.16 18.49 36.37
C GLY E 205 0.34 18.50 36.37
N SER E 206 0.92 18.20 37.54
CA SER E 206 2.36 18.18 37.72
C SER E 206 2.74 16.95 38.53
N GLY E 207 4.03 16.81 38.81
CA GLY E 207 4.53 15.72 39.61
C GLY E 207 5.47 14.83 38.84
N SER E 208 6.04 13.86 39.56
CA SER E 208 6.92 12.86 38.99
C SER E 208 6.35 11.49 39.34
N GLY E 209 7.11 10.45 39.02
CA GLY E 209 6.72 9.12 39.44
C GLY E 209 6.54 9.05 40.95
N THR E 210 5.46 8.43 41.40
CA THR E 210 5.14 8.18 42.80
C THR E 210 4.79 9.45 43.57
N ALA E 211 4.65 10.59 42.89
CA ALA E 211 4.27 11.82 43.57
C ALA E 211 3.67 12.78 42.56
N PHE E 212 2.37 13.06 42.70
CA PHE E 212 1.63 13.83 41.72
C PHE E 212 0.88 14.97 42.39
N THR E 213 0.38 15.88 41.57
CA THR E 213 -0.26 17.09 42.08
C THR E 213 -1.20 17.64 41.02
N LEU E 214 -2.29 18.25 41.46
CA LEU E 214 -3.23 18.94 40.60
C LEU E 214 -3.50 20.32 41.19
N THR E 215 -3.10 21.37 40.49
CA THR E 215 -3.16 22.73 41.00
C THR E 215 -4.29 23.47 40.30
N ILE E 216 -5.35 23.78 41.05
CA ILE E 216 -6.50 24.52 40.52
C ILE E 216 -6.19 26.00 40.73
N SER E 217 -5.45 26.59 39.80
CA SER E 217 -5.13 28.01 39.88
C SER E 217 -6.32 28.84 39.45
N ARG E 218 -6.49 30.00 40.10
CA ARG E 218 -7.59 30.92 39.80
C ARG E 218 -8.93 30.22 39.99
N LEU E 219 -9.17 29.81 41.22
CA LEU E 219 -10.35 29.00 41.54
C LEU E 219 -11.63 29.78 41.26
N GLU E 220 -12.73 29.05 41.16
CA GLU E 220 -14.02 29.60 40.80
C GLU E 220 -15.08 28.65 41.35
N ALA E 221 -16.33 29.09 41.34
CA ALA E 221 -17.44 28.17 41.55
C ALA E 221 -17.45 27.13 40.43
N GLU E 222 -18.38 26.17 40.52
CA GLU E 222 -18.44 25.03 39.60
C GLU E 222 -17.27 24.06 39.82
N ASP E 223 -16.34 24.41 40.70
CA ASP E 223 -15.19 23.55 41.00
C ASP E 223 -15.29 22.92 42.38
N VAL E 224 -16.49 22.83 42.95
CA VAL E 224 -16.70 22.21 44.25
C VAL E 224 -17.12 20.76 44.01
N GLY E 225 -16.22 19.83 44.28
CA GLY E 225 -16.52 18.44 44.06
C GLY E 225 -15.47 17.56 44.70
N VAL E 226 -15.42 16.31 44.23
CA VAL E 226 -14.46 15.33 44.71
C VAL E 226 -13.50 14.98 43.58
N TYR E 227 -12.21 14.90 43.90
CA TYR E 227 -11.17 14.69 42.92
C TYR E 227 -10.51 13.34 43.17
N TYR E 228 -10.65 12.42 42.22
CA TYR E 228 -10.07 11.09 42.31
C TYR E 228 -8.89 10.99 41.36
N CYS E 229 -7.83 10.33 41.80
CA CYS E 229 -6.66 10.08 40.96
C CYS E 229 -6.66 8.60 40.62
N MET E 230 -6.71 8.30 39.32
CA MET E 230 -6.71 6.93 38.84
C MET E 230 -5.41 6.62 38.12
N GLN E 231 -4.96 5.38 38.26
CA GLN E 231 -3.82 4.89 37.51
C GLN E 231 -4.31 4.02 36.36
N HIS E 232 -3.50 3.93 35.31
CA HIS E 232 -3.85 3.09 34.18
C HIS E 232 -2.64 2.28 33.73
N LEU E 233 -1.69 2.05 34.62
CA LEU E 233 -0.47 1.35 34.24
C LEU E 233 -0.74 -0.12 33.96
N GLU E 234 -1.56 -0.77 34.78
CA GLU E 234 -1.87 -2.17 34.58
C GLU E 234 -3.16 -2.50 35.30
N TYR E 235 -3.90 -3.46 34.75
CA TYR E 235 -5.16 -3.91 35.31
C TYR E 235 -4.95 -4.72 36.59
N PRO E 236 -5.98 -4.77 37.46
CA PRO E 236 -7.15 -3.88 37.46
C PRO E 236 -6.82 -2.46 37.88
N LEU E 237 -7.47 -1.49 37.25
CA LEU E 237 -7.26 -0.08 37.59
C LEU E 237 -7.76 0.22 39.00
N THR E 238 -7.04 1.06 39.72
CA THR E 238 -7.43 1.42 41.07
C THR E 238 -7.52 2.93 41.19
N PHE E 239 -8.66 3.42 41.66
CA PHE E 239 -8.86 4.85 41.88
C PHE E 239 -8.23 5.24 43.21
N GLY E 240 -8.53 6.46 43.67
CA GLY E 240 -8.07 6.95 44.94
C GLY E 240 -9.21 7.15 45.93
N ALA E 241 -8.83 7.56 47.14
CA ALA E 241 -9.82 7.76 48.18
C ALA E 241 -10.79 8.90 47.85
N GLY E 242 -10.26 9.99 47.30
CA GLY E 242 -11.10 11.10 46.90
C GLY E 242 -11.01 12.31 47.80
N THR E 243 -10.40 13.38 47.31
CA THR E 243 -10.28 14.62 48.04
C THR E 243 -11.45 15.53 47.71
N LYS E 244 -12.07 16.11 48.74
CA LYS E 244 -13.25 16.93 48.58
C LYS E 244 -12.91 18.42 48.68
N LEU E 245 -13.65 19.23 47.94
CA LEU E 245 -13.56 20.68 48.05
C LEU E 245 -14.90 21.20 48.54
N GLU E 246 -14.87 22.33 49.25
CA GLU E 246 -16.08 22.87 49.87
C GLU E 246 -15.89 24.36 50.09
N LEU E 247 -16.96 25.01 50.54
CA LEU E 247 -16.94 26.44 50.79
C LEU E 247 -17.26 26.75 52.25
C1 PLM F . 1.67 -22.42 -13.81
O2 PLM F . 1.44 -22.17 -12.59
C2 PLM F . 1.75 -23.93 -14.18
C3 PLM F . 2.28 -24.21 -15.58
C4 PLM F . 2.36 -25.68 -15.89
C5 PLM F . 1.08 -26.43 -15.59
C6 PLM F . 1.22 -27.94 -15.66
C7 PLM F . 0.47 -28.56 -16.83
C8 PLM F . -0.04 -29.96 -16.54
C9 PLM F . 1.04 -30.89 -16.02
CA PLM F . 0.56 -32.32 -15.80
CB PLM F . 1.48 -33.37 -16.38
CC PLM F . 0.85 -34.74 -16.44
CD PLM F . 0.82 -35.44 -15.08
CE PLM F . 1.96 -36.42 -14.88
CF PLM F . 1.82 -37.31 -13.65
CG PLM F . 2.69 -38.54 -13.73
CAA Y01 G . -9.30 -42.67 0.80
CBA Y01 G . -8.03 -41.90 0.57
CAB Y01 G . -7.60 -41.21 1.88
CAN Y01 G . -6.91 -42.87 0.10
CAJ Y01 G . -6.79 -44.05 1.10
CAO Y01 G . -5.57 -44.98 0.68
CBB Y01 G . -5.60 -46.29 1.48
CAC Y01 G . -6.47 -46.12 2.70
CBE Y01 G . -6.17 -47.45 0.58
CAP Y01 G . -6.41 -46.90 -0.93
CAQ Y01 G . -5.79 -48.06 -1.92
CBG Y01 G . -5.71 -49.16 -0.99
CBI Y01 G . -5.22 -48.43 0.40
CAE Y01 G . -3.86 -47.81 0.20
CAU Y01 G . -5.14 -49.60 1.50
CAS Y01 G . -4.32 -50.51 1.06
CBF Y01 G . -4.68 -51.16 -0.09
CBD Y01 G . -4.64 -50.29 -1.26
CAK Y01 G . -5.07 -51.11 -2.51
CAI Y01 G . -4.81 -52.64 -2.40
CAZ Y01 G . -3.99 -53.16 -1.52
CAV Y01 G . -3.22 -54.45 -1.85
CBH Y01 G . -3.63 -52.46 -0.34
CAD Y01 G . -2.20 -51.94 -0.48
CAT Y01 G . -3.71 -53.41 0.83
CAR Y01 G . -2.87 -54.71 0.65
CBC Y01 G . -3.25 -55.45 -0.67
OAW Y01 G . -2.35 -56.46 -0.91
CAY Y01 G . -2.94 -57.69 -1.33
OAG Y01 G . -2.40 -58.72 -1.09
CAM Y01 G . -4.31 -57.67 -2.08
CAL Y01 G . -4.77 -59.12 -2.35
CAX Y01 G . -6.13 -59.11 -3.04
OAH Y01 G . -6.67 -60.19 -3.38
OAF Y01 G . -6.70 -58.02 -3.27
C1 PLM H . 6.76 -22.16 2.54
O1 PLM H . 6.61 -23.22 3.20
O2 PLM H . 6.00 -21.18 2.74
C2 PLM H . 7.87 -22.06 1.49
C3 PLM H . 7.52 -22.79 0.20
C4 PLM H . 7.55 -24.31 0.34
C5 PLM H . 8.87 -24.91 -0.14
C6 PLM H . 9.03 -26.36 0.32
C7 PLM H . 10.38 -26.94 -0.09
C8 PLM H . 10.44 -28.46 0.06
C9 PLM H . 11.86 -28.98 -0.08
CA PLM H . 12.07 -30.33 0.59
CB PLM H . 13.48 -30.49 1.15
CC PLM H . 14.55 -29.99 0.19
CD PLM H . 15.96 -30.15 0.75
CE PLM H . 16.81 -28.91 0.50
CF PLM H . 18.31 -29.18 0.55
CG PLM H . 19.14 -28.01 0.00
C1 PLM I . -11.68 -24.67 -1.46
O1 PLM I . -12.89 -25.02 -1.45
O2 PLM I . -11.27 -23.79 -0.67
C2 PLM I . -10.72 -25.32 -2.46
C3 PLM I . -9.48 -24.46 -2.73
C4 PLM I . -8.17 -25.20 -2.50
C5 PLM I . -8.25 -26.70 -2.83
C6 PLM I . -6.90 -27.24 -3.28
C7 PLM I . -6.66 -28.68 -2.85
C8 PLM I . -7.38 -29.68 -3.76
C9 PLM I . -6.44 -30.32 -4.79
CA PLM I . -7.22 -31.06 -5.87
CB PLM I . -6.30 -31.71 -6.89
CC PLM I . -5.70 -33.01 -6.38
CD PLM I . -4.87 -33.73 -7.43
CE PLM I . -4.28 -35.03 -6.88
CF PLM I . -3.89 -35.99 -7.99
CG PLM I . -3.80 -37.43 -7.48
C1 HCY J . 9.81 -48.59 -10.59
C2 HCY J . 9.34 -50.03 -10.49
C3 HCY J . 10.22 -50.89 -11.36
C4 HCY J . 11.67 -50.66 -11.33
C5 HCY J . 12.15 -49.57 -10.74
C6 HCY J . 13.61 -49.45 -10.42
C7 HCY J . 14.14 -48.16 -11.02
C8 HCY J . 13.22 -46.96 -10.77
C9 HCY J . 11.80 -47.26 -11.21
C10 HCY J . 11.30 -48.39 -10.36
C12 HCY J . 11.46 -44.72 -11.59
C11 HCY J . 10.85 -46.06 -11.18
C13 HCY J . 12.83 -44.59 -10.99
C14 HCY J . 13.65 -45.72 -11.52
C15 HCY J . 15.11 -45.31 -11.39
C16 HCY J . 15.07 -43.78 -11.49
C17 HCY J . 13.63 -43.34 -11.31
C18 HCY J . 12.69 -44.71 -9.48
C19 HCY J . 11.62 -48.11 -8.90
C20 HCY J . 13.55 -42.34 -10.21
C21 HCY J . 12.62 -41.16 -10.32
O1 HCY J . 9.74 -51.76 -12.07
O2 HCY J . 10.32 -45.94 -9.86
O3 HCY J . 13.14 -42.77 -12.52
O4 HCY J . 14.26 -42.48 -9.23
O5 HCY J . 13.35 -39.94 -10.24
C1 CLR K . 3.10 -26.62 4.24
C2 CLR K . 3.62 -25.21 4.45
C3 CLR K . 2.51 -24.35 5.05
C4 CLR K . 2.14 -24.93 6.43
C5 CLR K . 1.74 -26.36 6.28
C6 CLR K . 0.55 -26.73 6.71
C7 CLR K . 0.06 -28.12 6.61
C8 CLR K . 1.25 -29.06 6.53
C9 CLR K . 2.15 -28.66 5.35
C10 CLR K . 2.73 -27.25 5.59
C11 CLR K . 3.30 -29.67 5.13
C12 CLR K . 2.81 -31.11 5.05
C13 CLR K . 2.00 -31.41 6.31
C14 CLR K . 0.78 -30.48 6.31
C15 CLR K . -0.11 -31.09 7.37
C16 CLR K . 0.04 -32.60 7.13
C17 CLR K . 1.37 -32.81 6.37
C18 CLR K . 2.84 -31.15 7.56
C19 CLR K . 3.98 -27.34 6.48
C20 CLR K . 2.27 -33.81 7.07
C21 CLR K . 3.38 -34.27 6.14
C22 CLR K . 1.46 -35.02 7.56
C23 CLR K . 2.28 -35.79 8.58
C24 CLR K . 1.51 -36.99 9.06
C25 CLR K . 2.34 -37.77 10.08
C26 CLR K . 3.59 -38.31 9.41
C27 CLR K . 2.72 -36.88 11.24
O1 CLR K . 3.02 -23.05 5.20
C1 CLR L . 8.59 -31.19 3.03
C2 CLR L . 9.00 -29.73 3.13
C3 CLR L . 7.86 -28.95 3.79
C4 CLR L . 7.66 -29.48 5.21
C5 CLR L . 7.40 -30.94 5.17
C6 CLR L . 6.30 -31.40 5.75
C7 CLR L . 5.94 -32.83 5.76
C8 CLR L . 7.20 -33.66 5.59
C9 CLR L . 7.94 -33.25 4.32
C10 CLR L . 8.41 -31.79 4.44
C11 CLR L . 9.14 -34.16 4.01
C12 CLR L . 8.79 -35.64 4.04
C13 CLR L . 8.16 -35.94 5.39
C14 CLR L . 6.85 -35.13 5.49
C15 CLR L . 6.14 -35.77 6.67
C16 CLR L . 6.41 -37.26 6.46
C17 CLR L . 7.67 -37.39 5.60
C18 CLR L . 9.09 -35.53 6.54
C19 CLR L . 9.73 -31.71 5.20
C20 CLR L . 8.74 -38.25 6.27
C21 CLR L . 9.64 -38.90 5.22
C22 CLR L . 8.09 -39.31 7.14
C23 CLR L . 7.22 -40.20 6.26
C24 CLR L . 6.41 -41.15 7.12
C25 CLR L . 5.52 -42.03 6.23
C26 CLR L . 6.39 -42.94 5.38
C27 CLR L . 4.57 -42.85 7.10
O1 CLR L . 8.25 -27.61 3.82
#